data_4XVD
#
_entry.id   4XVD
#
_cell.length_a   145.795
_cell.length_b   145.795
_cell.length_c   74.287
_cell.angle_alpha   90.00
_cell.angle_beta   90.00
_cell.angle_gamma   90.00
#
_symmetry.space_group_name_H-M   'I 4'
#
loop_
_entity.id
_entity.type
_entity.pdbx_description
1 polymer 'Aldo-keto reductase family 1 member C3'
2 non-polymer 'NADP NICOTINAMIDE-ADENINE-DINUCLEOTIDE PHOSPHATE'
3 non-polymer 4-nitro-2-({4-[3-(trifluoromethyl)phenyl]piperazin-1-yl}methyl)phenol
4 water water
#
_entity_poly.entity_id   1
_entity_poly.type   'polypeptide(L)'
_entity_poly.pdbx_seq_one_letter_code
;MDSKHQCVKLNDGHFMPVLGFGTYAPPEVPRSKALEVTKLAIEAGFRHIDSAHLYNNEEQVGLAIRSKIADGSVKREDIF
YTSKLWSTFHRPELVRPALENSLKKAQLDYVDLYLIHSPMSLKPGEELSPTDENGKVIFDIVDLCTTWEAMEKCKDAGLA
KSIGVSNFNRRQLEMILNKPGLKYKPVCNQVECHPYFNRSKLLDFCKSKDIVLVAYSALGSQRDKRWVDPNSPVLLEDPV
LCALAKKHKRTPALIALRYQLQRGVVVLAKSYNEQRIRQNVQVFEFQLTAEDMKAIDGLDRNLHYFNSDSFASHPNYPYS
DEYLEHHHHHH
;
_entity_poly.pdbx_strand_id   A,B
#
loop_
_chem_comp.id
_chem_comp.type
_chem_comp.name
_chem_comp.formula
NAP non-polymer 'NADP NICOTINAMIDE-ADENINE-DINUCLEOTIDE PHOSPHATE' 'C21 H28 N7 O17 P3'
WDV non-polymer 4-nitro-2-({4-[3-(trifluoromethyl)phenyl]piperazin-1-yl}methyl)phenol 'C18 H18 F3 N3 O3'
#
# COMPACT_ATOMS: atom_id res chain seq x y z
N GLN A 6 -5.40 -5.08 -11.31
CA GLN A 6 -6.09 -4.09 -10.58
C GLN A 6 -5.29 -2.86 -10.23
N CYS A 7 -5.84 -1.98 -9.39
CA CYS A 7 -5.21 -0.70 -9.07
C CYS A 7 -4.58 -0.72 -7.69
N VAL A 8 -4.04 0.42 -7.27
CA VAL A 8 -3.54 0.59 -5.91
C VAL A 8 -3.83 2.04 -5.47
N LYS A 9 -4.15 2.24 -4.20
CA LYS A 9 -4.55 3.58 -3.73
C LYS A 9 -3.35 4.48 -3.48
N LEU A 10 -3.43 5.71 -3.94
CA LEU A 10 -2.33 6.67 -3.75
C LEU A 10 -2.50 7.46 -2.46
N ASN A 11 -1.40 8.00 -1.95
CA ASN A 11 -1.44 8.80 -0.73
C ASN A 11 -2.35 10.02 -0.85
N ASP A 12 -3.02 10.15 -1.99
CA ASP A 12 -3.92 11.27 -2.23
C ASP A 12 -5.38 10.80 -2.34
N GLY A 13 -5.56 9.50 -2.52
CA GLY A 13 -6.90 8.94 -2.64
C GLY A 13 -7.20 8.41 -4.02
N HIS A 14 -6.38 8.77 -5.01
CA HIS A 14 -6.58 8.31 -6.39
C HIS A 14 -6.00 6.93 -6.62
N PHE A 15 -6.46 6.23 -7.65
CA PHE A 15 -6.03 4.88 -7.86
C PHE A 15 -5.12 4.80 -9.07
N MET A 16 -4.11 3.94 -8.96
CA MET A 16 -3.17 3.70 -10.06
C MET A 16 -3.15 2.21 -10.45
N PRO A 17 -3.49 1.91 -11.73
CA PRO A 17 -3.37 0.57 -12.28
C PRO A 17 -1.93 0.10 -12.09
N VAL A 18 -1.74 -1.16 -11.69
CA VAL A 18 -0.42 -1.62 -11.28
C VAL A 18 0.44 -2.06 -12.45
N LEU A 19 -0.15 -2.14 -13.63
CA LEU A 19 0.63 -2.37 -14.83
C LEU A 19 0.48 -1.17 -15.73
N GLY A 20 1.56 -0.67 -16.33
CA GLY A 20 1.46 0.52 -17.17
C GLY A 20 2.15 0.30 -18.49
N PHE A 21 1.65 0.95 -19.53
CA PHE A 21 2.27 0.83 -20.83
C PHE A 21 3.34 1.89 -21.05
N GLY A 22 4.51 1.46 -21.48
CA GLY A 22 5.57 2.39 -21.84
C GLY A 22 5.33 2.86 -23.24
N THR A 23 5.47 4.15 -23.51
CA THR A 23 5.20 4.64 -24.86
C THR A 23 6.43 5.19 -25.59
N TYR A 24 7.56 5.34 -24.91
CA TYR A 24 8.71 5.92 -25.57
C TYR A 24 9.11 5.05 -26.70
N ALA A 25 9.43 5.68 -27.84
CA ALA A 25 10.16 5.06 -28.99
C ALA A 25 11.04 6.13 -29.61
N PRO A 26 12.22 5.72 -30.12
CA PRO A 26 13.20 6.68 -30.62
C PRO A 26 12.78 7.35 -31.92
N PRO A 27 13.45 8.46 -32.27
CA PRO A 27 13.13 9.28 -33.44
C PRO A 27 12.74 8.48 -34.69
N GLU A 28 13.48 7.43 -34.99
CA GLU A 28 13.27 6.67 -36.23
C GLU A 28 11.98 5.84 -36.28
N VAL A 29 11.21 5.83 -35.20
CA VAL A 29 9.92 5.15 -35.24
C VAL A 29 8.85 6.21 -35.55
N PRO A 30 8.22 6.12 -36.74
CA PRO A 30 7.26 7.13 -37.17
C PRO A 30 6.22 7.40 -36.09
N ARG A 31 5.85 8.66 -35.92
CA ARG A 31 4.97 9.05 -34.81
C ARG A 31 3.61 8.37 -34.93
N SER A 32 3.19 8.10 -36.18
CA SER A 32 1.96 7.34 -36.43
C SER A 32 1.94 6.04 -35.62
N LYS A 33 3.09 5.37 -35.57
CA LYS A 33 3.19 4.09 -34.89
C LYS A 33 2.79 4.18 -33.41
N ALA A 34 3.13 5.28 -32.77
CA ALA A 34 2.78 5.49 -31.37
C ALA A 34 1.28 5.36 -31.11
N LEU A 35 0.49 5.78 -32.10
CA LEU A 35 -0.98 5.76 -31.99
C LEU A 35 -1.54 4.35 -32.06
N GLU A 36 -0.99 3.55 -32.97
CA GLU A 36 -1.39 2.17 -33.11
C GLU A 36 -1.10 1.42 -31.81
N VAL A 37 0.19 1.33 -31.45
CA VAL A 37 0.61 0.49 -30.32
C VAL A 37 -0.19 0.80 -29.06
N THR A 38 -0.44 2.09 -28.81
CA THR A 38 -1.13 2.52 -27.61
C THR A 38 -2.57 2.04 -27.65
N LYS A 39 -3.09 1.88 -28.87
CA LYS A 39 -4.45 1.40 -29.04
C LYS A 39 -4.52 -0.10 -28.78
N LEU A 40 -3.65 -0.87 -29.41
CA LEU A 40 -3.49 -2.27 -29.07
C LEU A 40 -3.30 -2.46 -27.58
N ALA A 41 -2.44 -1.64 -26.96
CA ALA A 41 -2.25 -1.69 -25.52
C ALA A 41 -3.58 -1.58 -24.79
N ILE A 42 -4.40 -0.62 -25.16
CA ILE A 42 -5.62 -0.41 -24.41
C ILE A 42 -6.55 -1.58 -24.65
N GLU A 43 -6.71 -2.00 -25.91
CA GLU A 43 -7.51 -3.21 -26.24
C GLU A 43 -7.07 -4.48 -25.49
N ALA A 44 -5.76 -4.72 -25.48
CA ALA A 44 -5.18 -5.85 -24.76
C ALA A 44 -5.54 -5.91 -23.25
N GLY A 45 -5.75 -4.76 -22.62
CA GLY A 45 -6.07 -4.74 -21.19
C GLY A 45 -5.38 -3.64 -20.38
N PHE A 46 -4.35 -3.01 -20.93
CA PHE A 46 -3.66 -1.93 -20.24
C PHE A 46 -4.62 -0.80 -19.96
N ARG A 47 -4.49 -0.21 -18.77
CA ARG A 47 -5.35 0.93 -18.34
C ARG A 47 -4.55 2.11 -17.82
N HIS A 48 -3.22 1.96 -17.79
CA HIS A 48 -2.26 2.96 -17.30
C HIS A 48 -1.29 3.22 -18.43
N ILE A 49 -1.20 4.48 -18.86
CA ILE A 49 -0.32 4.86 -19.97
C ILE A 49 0.68 5.94 -19.56
N ASP A 50 1.94 5.69 -19.92
CA ASP A 50 3.02 6.55 -19.47
C ASP A 50 3.69 7.25 -20.63
N SER A 51 3.44 8.57 -20.70
CA SER A 51 4.11 9.43 -21.67
C SER A 51 4.90 10.57 -20.98
N ALA A 52 5.55 11.41 -21.78
CA ALA A 52 6.32 12.57 -21.32
C ALA A 52 6.42 13.57 -22.44
N HIS A 53 6.57 14.87 -22.11
CA HIS A 53 6.86 15.90 -23.13
C HIS A 53 8.03 15.41 -23.97
N LEU A 54 9.10 15.00 -23.28
CA LEU A 54 10.31 14.53 -23.95
C LEU A 54 9.98 13.49 -25.03
N TYR A 55 9.06 12.59 -24.74
CA TYR A 55 8.83 11.47 -25.65
C TYR A 55 8.36 11.95 -27.02
N ASN A 56 7.85 13.18 -27.08
CA ASN A 56 7.29 13.76 -28.31
C ASN A 56 6.29 12.83 -29.06
N ASN A 57 5.29 12.37 -28.34
CA ASN A 57 4.27 11.48 -28.91
C ASN A 57 2.91 11.74 -28.30
N GLU A 58 2.75 12.84 -27.60
CA GLU A 58 1.56 13.06 -26.83
C GLU A 58 0.33 13.20 -27.71
N GLU A 59 0.48 13.81 -28.89
CA GLU A 59 -0.65 14.00 -29.80
C GLU A 59 -1.25 12.64 -30.09
N GLN A 60 -0.42 11.67 -30.43
CA GLN A 60 -0.89 10.33 -30.81
C GLN A 60 -1.40 9.48 -29.63
N VAL A 61 -0.67 9.55 -28.52
CA VAL A 61 -1.08 8.91 -27.27
C VAL A 61 -2.40 9.50 -26.78
N GLY A 62 -2.57 10.82 -26.90
CA GLY A 62 -3.82 11.45 -26.51
C GLY A 62 -4.93 10.93 -27.40
N LEU A 63 -4.64 10.90 -28.70
CA LEU A 63 -5.57 10.40 -29.70
C LEU A 63 -5.92 8.95 -29.41
N ALA A 64 -4.89 8.12 -29.25
CA ALA A 64 -5.09 6.72 -28.90
C ALA A 64 -6.12 6.59 -27.82
N ILE A 65 -5.95 7.31 -26.71
CA ILE A 65 -6.90 7.25 -25.60
C ILE A 65 -8.30 7.71 -26.01
N ARG A 66 -8.36 8.85 -26.68
CA ARG A 66 -9.63 9.43 -27.04
C ARG A 66 -10.31 8.54 -28.07
N SER A 67 -9.49 7.80 -28.84
CA SER A 67 -9.99 6.85 -29.84
C SER A 67 -10.67 5.65 -29.17
N LYS A 68 -10.15 5.22 -28.02
CA LYS A 68 -10.73 4.11 -27.26
C LYS A 68 -11.86 4.53 -26.33
N ILE A 69 -11.96 5.81 -26.03
CA ILE A 69 -13.16 6.31 -25.40
C ILE A 69 -14.29 6.44 -26.44
N ALA A 70 -13.91 6.64 -27.69
CA ALA A 70 -14.88 6.94 -28.73
C ALA A 70 -15.46 5.67 -29.30
N ASP A 71 -14.70 4.59 -29.23
CA ASP A 71 -15.25 3.32 -29.66
C ASP A 71 -15.90 2.59 -28.48
N GLY A 72 -16.08 3.26 -27.34
CA GLY A 72 -16.85 2.67 -26.25
C GLY A 72 -16.09 1.62 -25.45
N SER A 73 -14.95 1.18 -26.01
CA SER A 73 -14.00 0.39 -25.23
C SER A 73 -13.98 0.87 -23.78
N VAL A 74 -13.53 2.10 -23.55
CA VAL A 74 -13.24 2.57 -22.17
C VAL A 74 -13.82 3.93 -21.88
N LYS A 75 -14.20 4.17 -20.64
CA LYS A 75 -14.45 5.55 -20.18
C LYS A 75 -13.12 6.24 -19.86
N ARG A 76 -13.15 7.55 -19.76
CA ARG A 76 -11.95 8.32 -19.40
C ARG A 76 -11.37 7.99 -18.01
N GLU A 77 -12.23 7.89 -16.99
CA GLU A 77 -11.75 7.56 -15.64
C GLU A 77 -11.34 6.09 -15.52
N ASP A 78 -11.57 5.30 -16.56
CA ASP A 78 -11.03 3.95 -16.58
C ASP A 78 -9.55 4.03 -16.95
N ILE A 79 -9.12 5.19 -17.42
CA ILE A 79 -7.79 5.33 -17.99
C ILE A 79 -6.89 6.22 -17.12
N PHE A 80 -5.67 5.75 -16.91
CA PHE A 80 -4.72 6.50 -16.10
C PHE A 80 -3.55 6.99 -16.98
N TYR A 81 -3.53 8.29 -17.25
CA TYR A 81 -2.56 8.87 -18.18
C TYR A 81 -1.54 9.76 -17.50
N THR A 82 -0.26 9.40 -17.69
CA THR A 82 0.85 10.12 -17.10
C THR A 82 1.61 10.89 -18.18
N SER A 83 1.84 12.17 -17.91
CA SER A 83 2.87 12.90 -18.60
C SER A 83 3.89 13.45 -17.63
N LYS A 84 4.90 14.14 -18.13
CA LYS A 84 6.04 14.53 -17.30
C LYS A 84 6.60 15.87 -17.72
N LEU A 85 6.97 16.66 -16.72
CA LEU A 85 7.64 17.95 -16.88
C LEU A 85 9.13 17.78 -17.25
N TRP A 86 9.54 18.33 -18.38
CA TRP A 86 10.93 18.25 -18.81
C TRP A 86 11.80 19.26 -18.06
N SER A 87 13.13 18.99 -18.06
CA SER A 87 14.08 19.63 -17.15
C SER A 87 14.41 21.05 -17.55
N THR A 88 13.94 21.45 -18.73
CA THR A 88 14.07 22.83 -19.15
C THR A 88 12.90 23.67 -18.61
N PHE A 89 12.01 23.02 -17.88
CA PHE A 89 10.85 23.73 -17.38
C PHE A 89 10.69 23.69 -15.89
N HIS A 90 11.78 23.49 -15.16
CA HIS A 90 11.78 23.31 -13.71
C HIS A 90 11.44 24.60 -12.96
N ARG A 91 11.77 25.74 -13.54
CA ARG A 91 11.44 27.01 -12.95
C ARG A 91 9.95 27.11 -12.79
N PRO A 92 9.47 27.55 -11.59
CA PRO A 92 8.03 27.42 -11.21
C PRO A 92 7.08 28.15 -12.18
N GLU A 93 7.49 29.33 -12.61
CA GLU A 93 6.69 30.09 -13.55
C GLU A 93 6.47 29.35 -14.88
N LEU A 94 7.18 28.24 -15.10
CA LEU A 94 7.08 27.46 -16.36
C LEU A 94 6.35 26.10 -16.22
N VAL A 95 6.16 25.66 -14.98
CA VAL A 95 5.55 24.37 -14.68
C VAL A 95 4.15 24.30 -15.30
N ARG A 96 3.30 25.27 -15.00
CA ARG A 96 1.92 25.21 -15.45
C ARG A 96 1.81 25.28 -16.97
N PRO A 97 2.45 26.29 -17.61
CA PRO A 97 2.45 26.34 -19.08
C PRO A 97 2.87 25.02 -19.76
N ALA A 98 3.82 24.30 -19.17
CA ALA A 98 4.29 23.01 -19.73
C ALA A 98 3.23 21.95 -19.59
N LEU A 99 2.51 21.98 -18.48
CA LEU A 99 1.43 21.04 -18.27
C LEU A 99 0.29 21.31 -19.28
N GLU A 100 -0.24 22.54 -19.28
CA GLU A 100 -1.19 23.05 -20.28
C GLU A 100 -0.80 22.66 -21.73
N ASN A 101 0.48 22.78 -22.06
CA ASN A 101 0.95 22.40 -23.37
C ASN A 101 0.66 20.94 -23.63
N SER A 102 1.08 20.12 -22.65
CA SER A 102 0.90 18.69 -22.70
C SER A 102 -0.56 18.29 -22.82
N LEU A 103 -1.46 19.05 -22.20
CA LEU A 103 -2.91 18.76 -22.29
C LEU A 103 -3.52 19.12 -23.65
N LYS A 104 -3.12 20.28 -24.16
CA LYS A 104 -3.52 20.83 -25.41
C LYS A 104 -3.06 19.86 -26.50
N LYS A 105 -1.84 19.34 -26.38
CA LYS A 105 -1.37 18.35 -27.37
C LYS A 105 -2.22 17.10 -27.38
N ALA A 106 -2.59 16.61 -26.22
CA ALA A 106 -3.27 15.35 -26.12
C ALA A 106 -4.78 15.57 -26.14
N GLN A 107 -5.19 16.80 -26.48
CA GLN A 107 -6.61 17.18 -26.50
C GLN A 107 -7.32 16.65 -25.26
N LEU A 108 -6.70 16.85 -24.09
CA LEU A 108 -7.22 16.25 -22.85
C LEU A 108 -7.46 17.25 -21.75
N ASP A 109 -8.45 16.99 -20.93
CA ASP A 109 -8.80 17.99 -19.93
C ASP A 109 -7.81 18.01 -18.78
N TYR A 110 -7.25 16.84 -18.48
CA TYR A 110 -6.40 16.67 -17.31
C TYR A 110 -5.59 15.39 -17.47
N VAL A 111 -4.44 15.33 -16.83
CA VAL A 111 -3.67 14.09 -16.72
C VAL A 111 -3.87 13.48 -15.33
N ASP A 112 -3.88 12.18 -15.26
CA ASP A 112 -4.06 11.52 -13.97
C ASP A 112 -2.85 11.78 -13.08
N LEU A 113 -1.68 11.80 -13.72
CA LEU A 113 -0.39 11.93 -13.08
C LEU A 113 0.57 12.86 -13.85
N TYR A 114 1.09 13.87 -13.17
CA TYR A 114 2.13 14.66 -13.78
C TYR A 114 3.42 14.52 -12.94
N LEU A 115 4.54 14.20 -13.61
CA LEU A 115 5.79 13.97 -12.91
C LEU A 115 6.85 15.00 -13.25
N ILE A 116 7.72 15.30 -12.27
CA ILE A 116 9.01 15.87 -12.57
C ILE A 116 9.86 14.77 -13.19
N HIS A 117 10.04 14.83 -14.50
CA HIS A 117 10.76 13.81 -15.23
C HIS A 117 12.08 13.46 -14.56
N SER A 118 12.87 14.47 -14.19
CA SER A 118 14.18 14.24 -13.53
C SER A 118 14.58 15.44 -12.66
N PRO A 119 15.40 15.24 -11.61
CA PRO A 119 15.87 16.40 -10.84
C PRO A 119 17.01 17.15 -11.54
N MET A 120 17.44 16.64 -12.70
CA MET A 120 18.61 17.22 -13.35
C MET A 120 18.19 18.41 -14.20
N SER A 121 18.11 19.55 -13.55
CA SER A 121 17.71 20.77 -14.24
C SER A 121 18.67 21.15 -15.36
N LEU A 122 18.08 21.54 -16.49
CA LEU A 122 18.77 22.12 -17.61
C LEU A 122 18.21 23.53 -17.87
N LYS A 123 18.86 24.23 -18.80
CA LYS A 123 18.70 25.64 -19.06
C LYS A 123 17.44 25.93 -19.83
N PRO A 124 16.57 26.80 -19.28
CA PRO A 124 15.19 27.11 -19.75
C PRO A 124 15.06 27.44 -21.26
N GLU A 127 14.85 24.42 -26.42
CA GLU A 127 15.63 23.22 -26.71
C GLU A 127 15.53 22.18 -25.60
N LEU A 128 15.07 20.99 -25.98
CA LEU A 128 15.03 19.85 -25.09
C LEU A 128 16.43 19.57 -24.53
N SER A 129 17.44 19.65 -25.39
CA SER A 129 18.81 19.46 -24.95
C SER A 129 19.71 20.65 -25.34
N PRO A 130 19.71 21.70 -24.50
CA PRO A 130 20.43 22.94 -24.79
C PRO A 130 21.93 22.78 -24.63
N THR A 131 22.68 23.38 -25.54
CA THR A 131 24.07 23.02 -25.75
C THR A 131 24.96 24.24 -26.04
N ASP A 132 26.10 24.31 -25.38
CA ASP A 132 27.01 25.46 -25.49
C ASP A 132 27.81 25.44 -26.82
N GLU A 133 28.72 26.39 -26.98
CA GLU A 133 29.57 26.47 -28.19
C GLU A 133 30.29 25.16 -28.62
N ASN A 134 30.40 24.21 -27.71
CA ASN A 134 31.26 23.04 -27.91
C ASN A 134 30.47 21.74 -27.94
N GLY A 135 29.22 21.80 -27.49
CA GLY A 135 28.38 20.62 -27.41
C GLY A 135 28.25 20.07 -25.99
N LYS A 136 28.73 20.81 -24.98
CA LYS A 136 28.49 20.48 -23.56
C LYS A 136 27.10 20.94 -23.16
N VAL A 137 26.32 20.01 -22.58
CA VAL A 137 24.93 20.26 -22.28
C VAL A 137 24.87 21.25 -21.11
N ILE A 138 23.98 22.25 -21.18
CA ILE A 138 24.02 23.38 -20.22
C ILE A 138 23.17 23.15 -18.96
N PHE A 139 23.84 22.98 -17.81
CA PHE A 139 23.11 22.68 -16.57
C PHE A 139 22.41 23.92 -16.05
N ASP A 140 21.49 23.69 -15.13
CA ASP A 140 20.81 24.76 -14.42
C ASP A 140 20.65 24.28 -12.99
N ILE A 141 20.60 25.23 -12.06
CA ILE A 141 20.38 24.94 -10.63
C ILE A 141 19.15 25.72 -10.19
N VAL A 142 18.11 24.98 -9.81
CA VAL A 142 16.81 25.51 -9.44
C VAL A 142 16.52 24.93 -8.09
N ASP A 143 15.73 25.60 -7.29
CA ASP A 143 15.24 24.97 -6.06
C ASP A 143 14.01 24.14 -6.44
N LEU A 144 14.18 22.82 -6.44
CA LEU A 144 13.09 21.90 -6.81
C LEU A 144 11.87 21.98 -5.90
N CYS A 145 12.04 22.46 -4.67
CA CYS A 145 10.88 22.73 -3.83
C CYS A 145 9.97 23.81 -4.43
N THR A 146 10.53 24.75 -5.18
CA THR A 146 9.68 25.73 -5.83
C THR A 146 9.00 25.10 -7.04
N THR A 147 9.72 24.25 -7.79
CA THR A 147 9.08 23.40 -8.81
C THR A 147 7.87 22.65 -8.25
N TRP A 148 8.05 22.05 -7.08
CA TRP A 148 6.97 21.30 -6.48
C TRP A 148 5.75 22.15 -6.08
N GLU A 149 5.99 23.30 -5.44
CA GLU A 149 4.89 24.21 -5.11
C GLU A 149 4.08 24.53 -6.38
N ALA A 150 4.78 24.73 -7.50
CA ALA A 150 4.11 24.91 -8.79
C ALA A 150 3.30 23.68 -9.24
N MET A 151 3.85 22.48 -9.03
CA MET A 151 3.14 21.24 -9.32
C MET A 151 1.89 21.18 -8.44
N GLU A 152 2.02 21.61 -7.19
CA GLU A 152 0.86 21.64 -6.28
C GLU A 152 -0.27 22.55 -6.78
N LYS A 153 0.08 23.72 -7.32
CA LYS A 153 -0.93 24.59 -7.91
C LYS A 153 -1.66 23.93 -9.10
N CYS A 154 -0.97 23.07 -9.84
CA CYS A 154 -1.58 22.32 -10.93
C CYS A 154 -2.59 21.28 -10.45
N LYS A 155 -2.33 20.64 -9.31
CA LYS A 155 -3.26 19.68 -8.76
C LYS A 155 -4.47 20.44 -8.24
N ASP A 156 -4.20 21.44 -7.39
CA ASP A 156 -5.19 22.38 -6.89
C ASP A 156 -6.10 22.89 -7.95
N ALA A 157 -5.62 22.93 -9.19
CA ALA A 157 -6.37 23.50 -10.31
C ALA A 157 -6.98 22.43 -11.16
N GLY A 158 -7.01 21.19 -10.67
CA GLY A 158 -7.58 20.11 -11.44
C GLY A 158 -6.89 19.71 -12.75
N LEU A 159 -5.80 20.38 -13.15
CA LEU A 159 -5.04 19.97 -14.35
C LEU A 159 -4.32 18.63 -14.23
N ALA A 160 -3.83 18.31 -13.04
CA ALA A 160 -3.38 16.93 -12.75
C ALA A 160 -4.03 16.41 -11.49
N LYS A 161 -4.57 15.19 -11.58
CA LYS A 161 -5.23 14.53 -10.47
C LYS A 161 -4.23 14.19 -9.36
N SER A 162 -3.06 13.71 -9.78
CA SER A 162 -2.01 13.30 -8.85
C SER A 162 -0.63 13.80 -9.31
N ILE A 163 0.20 14.21 -8.35
CA ILE A 163 1.54 14.67 -8.70
C ILE A 163 2.61 13.76 -8.11
N GLY A 164 3.76 13.71 -8.76
CA GLY A 164 4.81 12.84 -8.28
C GLY A 164 6.08 13.26 -8.93
N VAL A 165 7.14 12.53 -8.60
CA VAL A 165 8.46 12.81 -9.10
C VAL A 165 9.03 11.58 -9.81
N SER A 166 10.09 11.78 -10.56
CA SER A 166 10.74 10.66 -11.21
C SER A 166 12.25 10.84 -11.09
N ASN A 167 12.99 9.75 -11.01
CA ASN A 167 14.45 9.80 -10.88
C ASN A 167 15.03 10.42 -9.61
N PHE A 168 14.21 10.56 -8.57
CA PHE A 168 14.70 11.11 -7.30
C PHE A 168 15.38 10.01 -6.51
N ASN A 169 16.39 10.33 -5.70
CA ASN A 169 16.89 9.37 -4.70
C ASN A 169 16.27 9.64 -3.32
N ARG A 170 16.71 8.88 -2.31
CA ARG A 170 16.21 9.09 -0.95
C ARG A 170 16.34 10.54 -0.47
N ARG A 171 17.54 11.09 -0.58
CA ARG A 171 17.83 12.43 -0.09
C ARG A 171 16.95 13.46 -0.81
N GLN A 172 16.76 13.32 -2.12
CA GLN A 172 15.98 14.29 -2.88
C GLN A 172 14.50 14.24 -2.50
N LEU A 173 13.97 13.03 -2.30
CA LEU A 173 12.63 12.79 -1.73
C LEU A 173 12.39 13.40 -0.35
N GLU A 174 13.32 13.18 0.59
CA GLU A 174 13.31 13.83 1.92
C GLU A 174 13.21 15.36 1.75
N MET A 175 13.94 15.88 0.78
CA MET A 175 13.91 17.32 0.52
C MET A 175 12.47 17.81 0.25
N ILE A 176 11.71 17.10 -0.59
CA ILE A 176 10.35 17.46 -0.84
C ILE A 176 9.46 17.18 0.39
N LEU A 177 9.63 16.01 1.00
CA LEU A 177 8.80 15.59 2.14
C LEU A 177 8.95 16.47 3.38
N ASN A 178 10.08 17.14 3.53
CA ASN A 178 10.22 18.11 4.62
C ASN A 178 10.20 19.56 4.17
N LYS A 179 9.57 19.84 3.05
CA LYS A 179 9.53 21.19 2.55
C LYS A 179 8.63 21.90 3.51
N PRO A 180 8.92 23.18 3.80
CA PRO A 180 8.00 23.91 4.69
C PRO A 180 6.71 24.28 3.96
N GLY A 181 5.59 24.13 4.67
CA GLY A 181 4.31 24.42 4.07
C GLY A 181 3.91 23.41 3.02
N LEU A 182 4.60 22.27 2.96
CA LEU A 182 4.21 21.18 2.05
C LEU A 182 2.71 20.95 2.09
N LYS A 183 2.11 20.97 0.90
CA LYS A 183 0.70 20.70 0.75
C LYS A 183 0.41 19.24 0.37
N TYR A 184 1.09 18.71 -0.65
CA TYR A 184 0.85 17.33 -1.09
C TYR A 184 2.13 16.54 -1.24
N LYS A 185 2.14 15.35 -0.62
CA LYS A 185 3.20 14.37 -0.79
C LYS A 185 3.27 14.01 -2.25
N PRO A 186 4.47 13.69 -2.77
CA PRO A 186 4.42 13.11 -4.12
C PRO A 186 3.73 11.74 -4.01
N VAL A 187 2.86 11.39 -4.95
CA VAL A 187 2.17 10.12 -4.81
C VAL A 187 3.15 9.01 -5.19
N CYS A 188 4.10 9.31 -6.09
CA CYS A 188 5.00 8.22 -6.53
C CYS A 188 6.39 8.69 -6.83
N ASN A 189 7.27 7.75 -7.16
CA ASN A 189 8.63 8.04 -7.60
C ASN A 189 9.03 7.01 -8.63
N GLN A 190 8.88 7.38 -9.90
CA GLN A 190 9.17 6.49 -11.04
C GLN A 190 10.68 6.37 -11.29
N VAL A 191 11.21 5.16 -11.24
CA VAL A 191 12.65 5.00 -11.24
C VAL A 191 13.09 3.77 -12.02
N GLU A 192 14.38 3.71 -12.35
CA GLU A 192 14.94 2.53 -13.00
C GLU A 192 14.95 1.43 -11.97
N CYS A 193 14.34 0.31 -12.33
CA CYS A 193 14.10 -0.77 -11.39
C CYS A 193 13.85 -2.05 -12.14
N HIS A 194 14.67 -3.06 -11.86
CA HIS A 194 14.60 -4.37 -12.51
C HIS A 194 15.51 -5.27 -11.67
N PRO A 195 15.50 -6.59 -11.94
CA PRO A 195 16.25 -7.47 -11.07
C PRO A 195 17.77 -7.22 -11.00
N TYR A 196 18.40 -6.58 -11.98
CA TYR A 196 19.83 -6.26 -11.81
C TYR A 196 20.03 -5.00 -10.98
N PHE A 197 18.95 -4.24 -10.79
CA PHE A 197 18.96 -2.96 -10.06
C PHE A 197 17.61 -2.86 -9.32
N ASN A 198 17.39 -3.68 -8.28
CA ASN A 198 16.03 -3.72 -7.68
C ASN A 198 15.59 -2.57 -6.76
N ARG A 199 16.57 -1.79 -6.30
CA ARG A 199 16.34 -0.61 -5.48
C ARG A 199 15.61 -0.94 -4.20
N SER A 200 15.84 -2.13 -3.65
CA SER A 200 15.14 -2.52 -2.42
C SER A 200 15.20 -1.49 -1.29
N LYS A 201 16.37 -0.90 -0.98
CA LYS A 201 16.45 0.09 0.10
C LYS A 201 15.53 1.29 -0.15
N LEU A 202 15.61 1.84 -1.36
CA LEU A 202 14.72 2.93 -1.77
C LEU A 202 13.27 2.49 -1.83
N LEU A 203 13.03 1.24 -2.18
CA LEU A 203 11.67 0.70 -2.15
C LEU A 203 11.07 0.73 -0.74
N ASP A 204 11.86 0.34 0.28
CA ASP A 204 11.38 0.35 1.67
C ASP A 204 11.03 1.78 2.10
N PHE A 205 11.95 2.71 1.84
CA PHE A 205 11.75 4.12 2.16
C PHE A 205 10.48 4.65 1.53
N CYS A 206 10.36 4.49 0.21
CA CYS A 206 9.16 4.94 -0.46
C CYS A 206 7.90 4.40 0.22
N LYS A 207 7.92 3.11 0.55
CA LYS A 207 6.80 2.45 1.21
C LYS A 207 6.49 3.09 2.54
N SER A 208 7.52 3.38 3.32
CA SER A 208 7.34 3.99 4.63
C SER A 208 6.83 5.41 4.54
N LYS A 209 7.06 6.06 3.40
CA LYS A 209 6.50 7.40 3.21
C LYS A 209 5.15 7.42 2.48
N ASP A 210 4.56 6.24 2.25
CA ASP A 210 3.30 6.09 1.49
C ASP A 210 3.43 6.57 0.07
N ILE A 211 4.57 6.26 -0.52
CA ILE A 211 4.90 6.63 -1.89
C ILE A 211 5.12 5.36 -2.70
N VAL A 212 4.39 5.24 -3.80
CA VAL A 212 4.55 4.13 -4.72
C VAL A 212 5.85 4.28 -5.53
N LEU A 213 6.59 3.18 -5.66
CA LEU A 213 7.73 3.18 -6.52
C LEU A 213 7.21 2.61 -7.82
N VAL A 214 7.33 3.38 -8.91
CA VAL A 214 6.99 2.88 -10.24
C VAL A 214 8.26 2.50 -10.97
N ALA A 215 8.35 1.25 -11.45
CA ALA A 215 9.54 0.74 -12.16
C ALA A 215 9.55 0.98 -13.65
N TYR A 216 10.55 1.69 -14.13
CA TYR A 216 10.80 1.76 -15.57
C TYR A 216 11.99 0.95 -16.01
N SER A 217 12.01 0.62 -17.29
CA SER A 217 13.09 -0.19 -17.86
C SER A 217 13.18 -1.53 -17.13
N ALA A 218 12.05 -1.97 -16.59
CA ALA A 218 11.96 -3.21 -15.86
C ALA A 218 12.25 -4.42 -16.76
N LEU A 219 12.35 -4.18 -18.06
CA LEU A 219 12.61 -5.26 -18.99
C LEU A 219 14.00 -5.13 -19.54
N GLY A 220 14.83 -4.33 -18.87
CA GLY A 220 16.22 -4.15 -19.24
C GLY A 220 16.44 -2.95 -20.11
N SER A 221 15.37 -2.28 -20.37
CA SER A 221 15.44 -1.07 -21.25
C SER A 221 15.48 -1.41 -22.73
N GLN A 222 15.44 -0.23 -23.50
CA GLN A 222 15.55 -0.35 -24.95
C GLN A 222 17.00 -0.41 -25.40
N ARG A 223 17.93 -0.46 -24.45
CA ARG A 223 19.34 -0.52 -24.76
C ARG A 223 19.77 0.61 -25.74
N ASP A 224 19.22 1.81 -25.53
CA ASP A 224 19.51 2.93 -26.40
C ASP A 224 20.98 3.38 -26.40
N LYS A 225 21.55 3.57 -27.59
CA LYS A 225 22.99 3.86 -27.78
C LYS A 225 23.45 5.11 -27.10
N ARG A 226 22.54 6.06 -26.93
CA ARG A 226 22.85 7.31 -26.26
C ARG A 226 23.16 7.01 -24.84
N TRP A 227 22.34 6.18 -24.20
CA TRP A 227 22.47 6.00 -22.77
C TRP A 227 23.19 4.72 -22.30
N VAL A 228 22.92 3.58 -22.93
CA VAL A 228 23.33 2.31 -22.33
C VAL A 228 24.60 1.70 -22.92
N ASP A 229 25.52 1.32 -22.02
CA ASP A 229 26.79 0.75 -22.40
C ASP A 229 26.44 -0.61 -23.02
N PRO A 230 26.91 -0.86 -24.27
CA PRO A 230 26.49 -2.09 -24.96
C PRO A 230 27.10 -3.35 -24.36
N ASN A 231 28.18 -3.19 -23.60
CA ASN A 231 28.77 -4.25 -22.77
C ASN A 231 27.85 -4.82 -21.69
N SER A 232 27.16 -3.94 -20.99
CA SER A 232 26.32 -4.40 -19.91
C SER A 232 25.39 -5.54 -20.38
N PRO A 233 25.17 -6.57 -19.52
CA PRO A 233 24.45 -7.80 -19.88
C PRO A 233 23.01 -7.53 -20.15
N VAL A 234 22.43 -8.28 -21.08
CA VAL A 234 21.02 -8.11 -21.40
C VAL A 234 20.15 -8.77 -20.32
N LEU A 235 19.38 -7.97 -19.60
CA LEU A 235 18.47 -8.49 -18.56
C LEU A 235 17.71 -9.77 -18.96
N LEU A 236 16.95 -9.70 -20.05
CA LEU A 236 16.09 -10.82 -20.49
C LEU A 236 16.84 -12.10 -20.87
N GLU A 237 18.15 -12.00 -21.00
CA GLU A 237 19.01 -13.15 -21.26
C GLU A 237 19.58 -13.83 -20.00
N ASP A 238 19.17 -13.37 -18.83
CA ASP A 238 19.71 -13.90 -17.58
C ASP A 238 19.25 -15.34 -17.37
N PRO A 239 20.18 -16.21 -16.94
CA PRO A 239 19.73 -17.62 -16.87
C PRO A 239 18.68 -17.90 -15.80
N VAL A 240 18.66 -17.11 -14.72
CA VAL A 240 17.67 -17.33 -13.66
C VAL A 240 16.29 -16.94 -14.18
N LEU A 241 16.20 -15.74 -14.75
CA LEU A 241 14.99 -15.29 -15.43
C LEU A 241 14.52 -16.25 -16.55
N CYS A 242 15.45 -16.90 -17.23
CA CYS A 242 15.10 -17.89 -18.24
C CYS A 242 14.64 -19.25 -17.65
N ALA A 243 15.35 -19.71 -16.61
CA ALA A 243 14.92 -20.89 -15.87
C ALA A 243 13.49 -20.74 -15.34
N LEU A 244 13.17 -19.58 -14.80
CA LEU A 244 11.86 -19.34 -14.25
C LEU A 244 10.74 -19.26 -15.29
N ALA A 245 11.09 -18.75 -16.48
CA ALA A 245 10.21 -18.71 -17.64
C ALA A 245 9.81 -20.12 -18.03
N LYS A 246 10.79 -21.00 -18.22
CA LYS A 246 10.47 -22.40 -18.48
C LYS A 246 9.65 -22.96 -17.38
N LYS A 247 10.05 -22.67 -16.14
CA LYS A 247 9.47 -23.32 -14.99
C LYS A 247 8.00 -23.01 -14.95
N HIS A 248 7.65 -21.79 -15.33
CA HIS A 248 6.25 -21.38 -15.33
C HIS A 248 5.67 -21.39 -16.73
N LYS A 249 6.44 -21.92 -17.68
CA LYS A 249 5.99 -21.96 -19.06
C LYS A 249 5.69 -20.57 -19.62
N ARG A 250 6.44 -19.57 -19.18
CA ARG A 250 6.25 -18.20 -19.65
C ARG A 250 7.55 -17.67 -20.21
N THR A 251 7.58 -16.36 -20.45
CA THR A 251 8.78 -15.73 -20.99
C THR A 251 9.49 -14.88 -19.94
N PRO A 252 10.82 -14.72 -20.08
CA PRO A 252 11.60 -13.89 -19.16
C PRO A 252 10.97 -12.52 -18.86
N ALA A 253 10.40 -11.87 -19.87
CA ALA A 253 9.70 -10.60 -19.68
C ALA A 253 8.62 -10.71 -18.63
N LEU A 254 7.83 -11.78 -18.75
CA LEU A 254 6.69 -11.97 -17.86
C LEU A 254 7.17 -12.20 -16.44
N ILE A 255 8.29 -12.93 -16.30
CA ILE A 255 8.87 -13.18 -14.98
C ILE A 255 9.27 -11.85 -14.34
N ALA A 256 9.98 -11.03 -15.11
CA ALA A 256 10.46 -9.75 -14.62
C ALA A 256 9.30 -8.87 -14.17
N LEU A 257 8.26 -8.73 -14.99
CA LEU A 257 7.11 -7.91 -14.62
C LEU A 257 6.46 -8.46 -13.36
N ARG A 258 6.16 -9.76 -13.34
CA ARG A 258 5.45 -10.30 -12.19
C ARG A 258 6.30 -10.13 -10.95
N TYR A 259 7.61 -10.22 -11.09
CA TYR A 259 8.50 -9.96 -9.96
C TYR A 259 8.20 -8.63 -9.28
N GLN A 260 8.07 -7.58 -10.07
CA GLN A 260 7.76 -6.26 -9.53
C GLN A 260 6.41 -6.19 -8.79
N LEU A 261 5.40 -6.83 -9.35
CA LEU A 261 4.07 -6.77 -8.76
C LEU A 261 4.09 -7.33 -7.35
N GLN A 262 4.73 -8.47 -7.19
CA GLN A 262 4.80 -9.12 -5.88
C GLN A 262 5.67 -8.42 -4.83
N ARG A 263 6.41 -7.39 -5.21
CA ARG A 263 7.01 -6.56 -4.18
C ARG A 263 6.20 -5.28 -3.97
N GLY A 264 4.99 -5.20 -4.53
CA GLY A 264 4.19 -3.99 -4.41
C GLY A 264 4.81 -2.80 -5.14
N VAL A 265 5.41 -3.07 -6.29
CA VAL A 265 5.97 -2.04 -7.12
C VAL A 265 5.06 -1.97 -8.31
N VAL A 266 4.60 -0.79 -8.69
CA VAL A 266 3.87 -0.62 -9.97
C VAL A 266 4.88 -0.65 -11.13
N VAL A 267 4.55 -1.40 -12.17
CA VAL A 267 5.52 -1.72 -13.23
C VAL A 267 5.10 -1.23 -14.61
N LEU A 268 6.06 -0.66 -15.33
CA LEU A 268 5.83 -0.20 -16.69
C LEU A 268 6.43 -1.18 -17.68
N ALA A 269 5.77 -1.38 -18.81
CA ALA A 269 6.27 -2.27 -19.87
C ALA A 269 6.12 -1.59 -21.21
N LYS A 270 7.21 -1.51 -21.96
CA LYS A 270 7.10 -0.92 -23.29
C LYS A 270 7.27 -1.99 -24.35
N SER A 271 6.39 -1.94 -25.36
CA SER A 271 6.53 -2.73 -26.57
C SER A 271 5.83 -2.08 -27.77
N TYR A 272 6.48 -2.15 -28.92
CA TYR A 272 5.88 -1.64 -30.11
C TYR A 272 5.53 -2.80 -31.03
N ASN A 273 5.41 -3.97 -30.41
CA ASN A 273 5.08 -5.19 -31.10
C ASN A 273 3.77 -5.79 -30.55
N GLU A 274 2.82 -6.09 -31.45
CA GLU A 274 1.44 -6.47 -31.10
C GLU A 274 1.36 -7.74 -30.28
N GLN A 275 2.22 -8.72 -30.60
CA GLN A 275 2.28 -9.96 -29.86
C GLN A 275 2.68 -9.76 -28.39
N ARG A 276 3.86 -9.14 -28.17
CA ARG A 276 4.34 -8.83 -26.82
C ARG A 276 3.43 -7.91 -26.01
N ILE A 277 2.77 -6.98 -26.70
CA ILE A 277 1.81 -6.09 -26.03
C ILE A 277 0.71 -6.96 -25.45
N ARG A 278 0.23 -7.94 -26.23
CA ARG A 278 -0.83 -8.85 -25.76
C ARG A 278 -0.30 -9.78 -24.70
N GLN A 279 0.96 -10.18 -24.83
CA GLN A 279 1.60 -11.12 -23.91
C GLN A 279 1.70 -10.57 -22.49
N ASN A 280 2.12 -9.31 -22.39
CA ASN A 280 2.51 -8.73 -21.13
C ASN A 280 1.38 -8.66 -20.10
N VAL A 281 0.13 -8.76 -20.55
CA VAL A 281 -1.01 -8.76 -19.63
C VAL A 281 -1.23 -10.14 -19.00
N GLN A 282 -0.53 -11.16 -19.50
CA GLN A 282 -0.55 -12.47 -18.88
C GLN A 282 0.13 -12.40 -17.51
N VAL A 283 0.74 -11.26 -17.20
CA VAL A 283 1.32 -10.99 -15.87
C VAL A 283 0.31 -11.13 -14.73
N PHE A 284 -0.98 -11.01 -15.06
CA PHE A 284 -2.05 -11.22 -14.10
C PHE A 284 -2.52 -12.67 -13.99
N GLU A 285 -1.97 -13.54 -14.83
CA GLU A 285 -2.42 -14.94 -14.90
C GLU A 285 -1.64 -15.98 -14.05
N PHE A 286 -0.55 -15.59 -13.38
CA PHE A 286 0.29 -16.56 -12.65
C PHE A 286 1.02 -15.93 -11.48
N GLN A 287 1.57 -16.76 -10.59
CA GLN A 287 2.23 -16.31 -9.35
C GLN A 287 3.62 -16.90 -9.28
N LEU A 288 4.62 -16.09 -8.94
CA LEU A 288 5.92 -16.64 -8.59
C LEU A 288 5.83 -17.13 -7.17
N THR A 289 6.69 -18.06 -6.77
CA THR A 289 6.67 -18.58 -5.41
C THR A 289 7.56 -17.74 -4.49
N ALA A 290 7.54 -18.03 -3.19
CA ALA A 290 8.49 -17.38 -2.28
C ALA A 290 9.93 -17.68 -2.72
N GLU A 291 10.22 -18.93 -3.07
CA GLU A 291 11.58 -19.26 -3.54
C GLU A 291 11.97 -18.53 -4.85
N ASP A 292 11.02 -18.50 -5.78
CA ASP A 292 11.15 -17.73 -7.01
C ASP A 292 11.61 -16.31 -6.69
N MET A 293 10.92 -15.67 -5.74
CA MET A 293 11.20 -14.28 -5.40
C MET A 293 12.58 -14.05 -4.78
N LYS A 294 13.02 -14.96 -3.93
CA LYS A 294 14.30 -14.80 -3.28
C LYS A 294 15.44 -15.04 -4.33
N ALA A 295 15.12 -15.85 -5.34
CA ALA A 295 16.06 -16.16 -6.39
C ALA A 295 16.28 -14.94 -7.27
N ILE A 296 15.19 -14.19 -7.51
CA ILE A 296 15.24 -13.01 -8.35
C ILE A 296 15.90 -11.88 -7.58
N ASP A 297 15.68 -11.86 -6.25
CA ASP A 297 16.32 -10.89 -5.34
C ASP A 297 17.82 -10.96 -5.43
N GLY A 298 18.32 -12.18 -5.57
CA GLY A 298 19.72 -12.45 -5.71
C GLY A 298 20.38 -11.88 -6.94
N LEU A 299 19.60 -11.52 -7.96
CA LEU A 299 20.18 -11.07 -9.22
C LEU A 299 20.75 -9.66 -9.15
N ASP A 300 20.26 -8.87 -8.20
CA ASP A 300 20.67 -7.47 -8.03
C ASP A 300 22.18 -7.34 -7.98
N ARG A 301 22.68 -6.41 -8.78
CA ARG A 301 24.09 -6.18 -8.92
C ARG A 301 24.39 -4.68 -9.11
N ASN A 302 23.54 -3.83 -8.56
CA ASN A 302 23.75 -2.40 -8.62
C ASN A 302 24.08 -1.83 -9.99
N LEU A 303 23.43 -2.36 -11.02
CA LEU A 303 23.68 -1.96 -12.40
C LEU A 303 22.53 -1.11 -12.95
N HIS A 304 22.79 0.17 -13.22
CA HIS A 304 21.81 0.96 -13.98
C HIS A 304 22.15 1.08 -15.48
N TYR A 305 21.21 0.70 -16.34
CA TYR A 305 21.41 0.78 -17.80
C TYR A 305 21.76 2.18 -18.35
N PHE A 306 21.09 3.21 -17.84
CA PHE A 306 21.35 4.60 -18.25
C PHE A 306 22.63 5.16 -17.63
N ASN A 307 23.46 5.78 -18.48
CA ASN A 307 24.75 6.36 -18.12
C ASN A 307 25.05 7.65 -18.87
N SER A 308 25.80 8.51 -18.22
CA SER A 308 26.27 9.73 -18.81
C SER A 308 27.41 10.16 -17.98
N ASP A 309 28.54 10.43 -18.61
CA ASP A 309 29.66 10.99 -17.93
C ASP A 309 29.37 12.47 -17.72
N SER A 310 28.62 13.03 -18.65
CA SER A 310 28.20 14.39 -18.57
C SER A 310 27.29 14.61 -17.38
N PHE A 311 26.22 13.85 -17.31
CA PHE A 311 25.23 14.02 -16.27
C PHE A 311 25.67 13.51 -14.92
N ALA A 312 26.64 12.62 -14.89
CA ALA A 312 27.18 12.15 -13.62
C ALA A 312 27.79 13.27 -12.80
N SER A 313 28.12 14.39 -13.45
CA SER A 313 28.69 15.53 -12.75
C SER A 313 27.69 16.69 -12.53
N HIS A 314 26.40 16.40 -12.77
CA HIS A 314 25.29 17.32 -12.47
C HIS A 314 25.04 17.29 -10.97
N PRO A 315 24.93 18.46 -10.33
CA PRO A 315 24.82 18.51 -8.86
C PRO A 315 23.67 17.67 -8.30
N ASN A 316 22.65 17.41 -9.11
CA ASN A 316 21.50 16.56 -8.75
C ASN A 316 21.53 15.12 -9.29
N TYR A 317 22.67 14.69 -9.83
CA TYR A 317 22.82 13.31 -10.27
C TYR A 317 22.34 12.40 -9.17
N PRO A 318 21.39 11.52 -9.46
CA PRO A 318 20.80 10.72 -8.36
C PRO A 318 21.62 9.55 -7.83
N TYR A 319 22.39 8.88 -8.67
CA TYR A 319 23.13 7.68 -8.23
C TYR A 319 24.51 8.08 -7.76
N SER A 320 25.03 7.41 -6.72
CA SER A 320 26.41 7.68 -6.37
C SER A 320 27.25 6.59 -7.02
N ASP A 321 28.18 7.01 -7.88
CA ASP A 321 29.04 6.13 -8.72
C ASP A 321 28.67 6.03 -10.21
N GLN B 6 -11.55 4.99 0.44
CA GLN B 6 -12.28 4.56 1.54
C GLN B 6 -12.00 3.18 2.14
N CYS B 7 -11.49 2.32 1.29
CA CYS B 7 -10.91 1.08 1.70
C CYS B 7 -9.43 1.18 1.40
N VAL B 8 -8.72 0.08 1.54
CA VAL B 8 -7.35 -0.02 1.07
C VAL B 8 -7.12 -1.43 0.52
N LYS B 9 -6.24 -1.55 -0.47
CA LYS B 9 -6.00 -2.83 -1.14
C LYS B 9 -4.98 -3.69 -0.37
N LEU B 10 -5.39 -4.91 -0.04
CA LEU B 10 -4.53 -5.83 0.68
C LEU B 10 -3.56 -6.53 -0.26
N ASN B 11 -2.52 -7.13 0.31
CA ASN B 11 -1.52 -7.83 -0.49
C ASN B 11 -2.10 -9.03 -1.25
N ASP B 12 -3.40 -9.28 -1.08
CA ASP B 12 -4.07 -10.40 -1.73
C ASP B 12 -5.19 -9.90 -2.64
N GLY B 13 -5.11 -8.63 -3.03
CA GLY B 13 -6.12 -8.03 -3.88
C GLY B 13 -7.47 -7.75 -3.29
N HIS B 14 -7.73 -8.14 -2.05
CA HIS B 14 -9.01 -7.75 -1.44
C HIS B 14 -8.92 -6.35 -0.83
N PHE B 15 -10.08 -5.80 -0.45
CA PHE B 15 -10.18 -4.43 0.07
C PHE B 15 -10.65 -4.41 1.50
N MET B 16 -10.05 -3.52 2.28
CA MET B 16 -10.37 -3.41 3.68
C MET B 16 -10.73 -1.96 4.04
N PRO B 17 -12.02 -1.74 4.42
CA PRO B 17 -12.46 -0.45 4.95
C PRO B 17 -11.46 0.01 6.01
N VAL B 18 -11.03 1.26 5.90
CA VAL B 18 -10.01 1.81 6.81
C VAL B 18 -10.54 2.12 8.21
N LEU B 19 -11.86 2.10 8.38
CA LEU B 19 -12.46 2.27 9.70
C LEU B 19 -13.31 1.07 10.09
N GLY B 20 -12.99 0.45 11.21
CA GLY B 20 -13.65 -0.79 11.59
C GLY B 20 -14.27 -0.68 12.95
N PHE B 21 -15.36 -1.41 13.16
CA PHE B 21 -16.08 -1.33 14.42
C PHE B 21 -15.58 -2.39 15.38
N GLY B 22 -15.26 -1.98 16.59
CA GLY B 22 -14.87 -2.92 17.62
C GLY B 22 -16.13 -3.53 18.21
N THR B 23 -16.05 -4.78 18.66
CA THR B 23 -17.24 -5.44 19.16
C THR B 23 -17.08 -5.98 20.57
N TYR B 24 -15.87 -6.00 21.10
CA TYR B 24 -15.70 -6.63 22.40
C TYR B 24 -16.41 -5.85 23.48
N ALA B 25 -17.27 -6.56 24.23
CA ALA B 25 -17.78 -6.07 25.51
C ALA B 25 -17.67 -7.17 26.59
N PRO B 26 -17.27 -6.81 27.83
CA PRO B 26 -17.05 -7.78 28.92
C PRO B 26 -18.28 -8.64 29.27
N PRO B 27 -18.08 -9.70 30.09
CA PRO B 27 -19.16 -10.62 30.49
C PRO B 27 -20.45 -9.93 30.93
N GLU B 28 -20.33 -8.86 31.72
CA GLU B 28 -21.47 -8.15 32.29
C GLU B 28 -22.34 -7.39 31.30
N VAL B 29 -21.95 -7.38 30.04
CA VAL B 29 -22.79 -6.77 29.01
C VAL B 29 -23.60 -7.86 28.30
N PRO B 30 -24.92 -7.87 28.53
CA PRO B 30 -25.81 -8.88 27.93
C PRO B 30 -25.45 -9.12 26.47
N ARG B 31 -25.47 -10.38 26.07
CA ARG B 31 -25.09 -10.75 24.71
C ARG B 31 -26.07 -10.15 23.68
N SER B 32 -27.30 -9.90 24.12
CA SER B 32 -28.30 -9.20 23.30
C SER B 32 -27.79 -7.83 22.85
N LYS B 33 -27.06 -7.15 23.75
CA LYS B 33 -26.57 -5.80 23.52
C LYS B 33 -25.62 -5.69 22.33
N ALA B 34 -24.82 -6.74 22.12
CA ALA B 34 -23.87 -6.79 21.00
C ALA B 34 -24.58 -6.73 19.64
N LEU B 35 -25.80 -7.25 19.58
CA LEU B 35 -26.60 -7.24 18.34
C LEU B 35 -27.11 -5.84 18.00
N GLU B 36 -27.40 -5.05 19.04
CA GLU B 36 -27.88 -3.70 18.87
C GLU B 36 -26.72 -2.79 18.41
N VAL B 37 -25.71 -2.62 19.28
CA VAL B 37 -24.56 -1.76 18.98
C VAL B 37 -23.99 -2.03 17.58
N THR B 38 -23.94 -3.30 17.19
CA THR B 38 -23.43 -3.67 15.85
C THR B 38 -24.39 -3.19 14.75
N LYS B 39 -25.69 -3.19 15.04
CA LYS B 39 -26.67 -2.78 14.02
C LYS B 39 -26.65 -1.28 13.79
N LEU B 40 -26.56 -0.53 14.89
CA LEU B 40 -26.38 0.91 14.81
C LEU B 40 -25.12 1.23 14.02
N ALA B 41 -24.03 0.51 14.36
CA ALA B 41 -22.75 0.70 13.69
C ALA B 41 -22.86 0.59 12.19
N ILE B 42 -23.60 -0.41 11.71
CA ILE B 42 -23.70 -0.65 10.29
C ILE B 42 -24.55 0.44 9.64
N GLU B 43 -25.64 0.80 10.32
CA GLU B 43 -26.48 1.93 9.90
C GLU B 43 -25.74 3.27 9.88
N ALA B 44 -25.00 3.55 10.96
CA ALA B 44 -24.18 4.75 11.05
C ALA B 44 -23.14 4.91 9.92
N GLY B 45 -22.91 3.84 9.13
CA GLY B 45 -21.95 3.89 8.02
C GLY B 45 -20.70 3.01 8.08
N PHE B 46 -20.45 2.37 9.24
CA PHE B 46 -19.40 1.35 9.36
C PHE B 46 -19.61 0.23 8.32
N ARG B 47 -18.51 -0.33 7.82
CA ARG B 47 -18.60 -1.40 6.83
C ARG B 47 -17.64 -2.53 7.16
N HIS B 48 -16.87 -2.33 8.22
CA HIS B 48 -15.84 -3.24 8.66
C HIS B 48 -16.15 -3.61 10.12
N ILE B 49 -16.30 -4.90 10.41
CA ILE B 49 -16.61 -5.36 11.78
C ILE B 49 -15.62 -6.36 12.30
N ASP B 50 -15.17 -6.13 13.54
CA ASP B 50 -14.09 -6.90 14.15
C ASP B 50 -14.53 -7.72 15.34
N SER B 51 -14.68 -9.04 15.12
CA SER B 51 -14.96 -9.98 16.20
C SER B 51 -13.87 -11.04 16.40
N ALA B 52 -14.09 -11.93 17.36
CA ALA B 52 -13.15 -13.01 17.70
C ALA B 52 -13.88 -14.13 18.45
N HIS B 53 -13.43 -15.38 18.27
CA HIS B 53 -13.94 -16.48 19.10
C HIS B 53 -13.92 -16.08 20.57
N LEU B 54 -12.80 -15.51 21.01
CA LEU B 54 -12.64 -15.05 22.38
C LEU B 54 -13.80 -14.15 22.82
N TYR B 55 -14.16 -13.18 21.99
CA TYR B 55 -15.19 -12.22 22.35
C TYR B 55 -16.51 -12.90 22.72
N ASN B 56 -16.81 -14.02 22.05
CA ASN B 56 -18.04 -14.75 22.32
C ASN B 56 -19.30 -13.98 21.90
N ASN B 57 -19.27 -13.21 20.83
CA ASN B 57 -20.50 -12.56 20.41
C ASN B 57 -20.92 -12.88 18.99
N GLU B 58 -20.24 -13.81 18.37
CA GLU B 58 -20.37 -14.02 16.95
C GLU B 58 -21.75 -14.35 16.49
N GLU B 59 -22.56 -14.95 17.35
CA GLU B 59 -23.94 -15.29 16.96
C GLU B 59 -24.71 -14.00 16.68
N GLN B 60 -24.59 -13.03 17.59
CA GLN B 60 -25.26 -11.75 17.44
C GLN B 60 -24.65 -10.94 16.32
N VAL B 61 -23.36 -10.63 16.45
CA VAL B 61 -22.63 -9.95 15.39
C VAL B 61 -22.99 -10.55 14.04
N GLY B 62 -22.99 -11.88 13.94
CA GLY B 62 -23.38 -12.56 12.71
C GLY B 62 -24.81 -12.23 12.31
N LEU B 63 -25.70 -12.23 13.29
CA LEU B 63 -27.08 -11.84 13.10
C LEU B 63 -27.19 -10.38 12.64
N ALA B 64 -26.63 -9.46 13.42
CA ALA B 64 -26.56 -8.05 13.03
C ALA B 64 -26.26 -7.87 11.54
N ILE B 65 -25.16 -8.45 11.06
CA ILE B 65 -24.80 -8.37 9.64
C ILE B 65 -25.88 -8.92 8.72
N ARG B 66 -26.43 -10.09 9.06
CA ARG B 66 -27.50 -10.66 8.25
C ARG B 66 -28.82 -9.91 8.48
N SER B 67 -28.94 -9.24 9.63
CA SER B 67 -30.08 -8.38 9.94
C SER B 67 -30.08 -7.08 9.16
N LYS B 68 -28.91 -6.67 8.68
CA LYS B 68 -28.78 -5.50 7.83
C LYS B 68 -28.69 -5.88 6.35
N ILE B 69 -28.57 -7.16 6.07
CA ILE B 69 -28.71 -7.63 4.69
C ILE B 69 -30.20 -7.95 4.54
N ALA B 70 -30.88 -8.04 5.68
CA ALA B 70 -32.28 -8.43 5.68
C ALA B 70 -33.19 -7.23 5.50
N ASP B 71 -32.72 -6.06 5.89
CA ASP B 71 -33.48 -4.82 5.70
C ASP B 71 -32.83 -3.90 4.72
N SER B 73 -30.63 -2.54 3.99
CA SER B 73 -29.42 -1.72 4.07
C SER B 73 -28.34 -2.18 3.08
N VAL B 74 -27.52 -3.12 3.56
CA VAL B 74 -26.28 -3.52 2.93
C VAL B 74 -26.42 -4.80 2.13
N LYS B 75 -25.53 -4.97 1.17
CA LYS B 75 -25.31 -6.23 0.53
C LYS B 75 -24.16 -6.81 1.33
N ARG B 76 -23.85 -8.09 1.15
CA ARG B 76 -22.78 -8.71 1.95
C ARG B 76 -21.39 -8.24 1.58
N GLU B 77 -21.02 -8.30 0.30
CA GLU B 77 -19.66 -7.87 -0.04
C GLU B 77 -19.39 -6.40 0.31
N ASP B 78 -20.45 -5.68 0.66
CA ASP B 78 -20.28 -4.33 1.16
C ASP B 78 -19.74 -4.39 2.59
N ILE B 79 -19.84 -5.57 3.21
CA ILE B 79 -19.43 -5.75 4.61
C ILE B 79 -18.12 -6.53 4.73
N PHE B 80 -17.26 -6.06 5.63
CA PHE B 80 -15.98 -6.69 5.89
C PHE B 80 -15.96 -7.20 7.33
N TYR B 81 -16.16 -8.52 7.47
CA TYR B 81 -16.22 -9.16 8.78
C TYR B 81 -14.95 -9.94 9.11
N THR B 82 -14.45 -9.70 10.34
CA THR B 82 -13.24 -10.32 10.85
C THR B 82 -13.51 -11.16 12.07
N SER B 83 -13.05 -12.40 12.04
CA SER B 83 -12.95 -13.19 13.26
C SER B 83 -11.51 -13.59 13.56
N LYS B 84 -11.28 -14.12 14.76
CA LYS B 84 -9.93 -14.53 15.11
C LYS B 84 -9.87 -15.94 15.65
N LEU B 85 -8.78 -16.62 15.34
CA LEU B 85 -8.50 -17.93 15.90
C LEU B 85 -7.96 -17.77 17.32
N TRP B 86 -8.63 -18.38 18.30
CA TRP B 86 -8.13 -18.28 19.67
C TRP B 86 -6.92 -19.20 19.90
N SER B 87 -6.11 -18.89 20.91
CA SER B 87 -4.80 -19.49 21.11
C SER B 87 -4.79 -20.95 21.52
N THR B 88 -5.97 -21.51 21.78
CA THR B 88 -6.07 -22.91 22.18
C THR B 88 -6.30 -23.78 20.93
N PHE B 89 -6.20 -23.12 19.78
CA PHE B 89 -6.44 -23.76 18.51
C PHE B 89 -5.28 -23.50 17.57
N HIS B 90 -4.11 -23.20 18.12
CA HIS B 90 -2.94 -22.91 17.29
C HIS B 90 -2.42 -24.10 16.48
N ARG B 91 -2.60 -25.31 17.01
CA ARG B 91 -2.24 -26.54 16.29
C ARG B 91 -2.96 -26.65 14.95
N PRO B 92 -2.19 -26.95 13.90
CA PRO B 92 -2.71 -26.79 12.54
C PRO B 92 -3.94 -27.64 12.23
N GLU B 93 -4.11 -28.72 12.96
CA GLU B 93 -5.22 -29.62 12.72
C GLU B 93 -6.51 -29.02 13.28
N LEU B 94 -6.37 -27.92 14.03
CA LEU B 94 -7.51 -27.28 14.74
C LEU B 94 -7.96 -25.93 14.13
N VAL B 95 -7.08 -25.34 13.34
CA VAL B 95 -7.32 -24.06 12.69
C VAL B 95 -8.59 -24.04 11.83
N ARG B 96 -8.76 -24.98 10.91
CA ARG B 96 -9.99 -25.01 10.10
C ARG B 96 -11.27 -25.28 10.94
N PRO B 97 -11.27 -26.35 11.78
CA PRO B 97 -12.47 -26.56 12.62
C PRO B 97 -12.85 -25.31 13.40
N ALA B 98 -11.87 -24.58 13.91
CA ALA B 98 -12.15 -23.34 14.69
C ALA B 98 -12.73 -22.25 13.80
N LEU B 99 -12.33 -22.21 12.54
CA LEU B 99 -12.92 -21.27 11.63
C LEU B 99 -14.36 -21.64 11.34
N GLU B 100 -14.58 -22.89 10.91
CA GLU B 100 -15.92 -23.46 10.68
C GLU B 100 -16.91 -23.27 11.85
N ASN B 101 -16.40 -23.31 13.06
CA ASN B 101 -17.17 -23.08 14.26
C ASN B 101 -17.66 -21.65 14.22
N SER B 102 -16.73 -20.73 13.94
CA SER B 102 -17.01 -19.30 13.89
C SER B 102 -18.03 -18.94 12.78
N LEU B 103 -17.98 -19.66 11.68
CA LEU B 103 -18.93 -19.46 10.57
C LEU B 103 -20.31 -20.00 10.91
N LYS B 104 -20.33 -21.17 11.54
CA LYS B 104 -21.55 -21.82 12.01
C LYS B 104 -22.29 -20.84 12.91
N LYS B 105 -21.56 -20.21 13.83
CA LYS B 105 -22.15 -19.35 14.85
C LYS B 105 -22.75 -18.07 14.26
N ALA B 106 -22.05 -17.52 13.27
CA ALA B 106 -22.47 -16.29 12.64
C ALA B 106 -23.32 -16.61 11.41
N GLN B 107 -23.72 -17.87 11.29
CA GLN B 107 -24.55 -18.30 10.17
C GLN B 107 -24.05 -17.72 8.85
N LEU B 108 -22.72 -17.65 8.71
CA LEU B 108 -22.10 -17.07 7.52
C LEU B 108 -21.33 -18.06 6.67
N ASP B 109 -21.24 -17.78 5.37
CA ASP B 109 -20.52 -18.69 4.48
C ASP B 109 -19.01 -18.53 4.61
N TYR B 110 -18.58 -17.31 4.93
CA TYR B 110 -17.16 -16.95 4.89
C TYR B 110 -16.89 -15.66 5.65
N VAL B 111 -15.73 -15.57 6.29
CA VAL B 111 -15.30 -14.32 6.87
C VAL B 111 -14.38 -13.63 5.89
N ASP B 112 -14.26 -12.33 6.02
CA ASP B 112 -13.49 -11.55 5.09
C ASP B 112 -12.02 -11.62 5.50
N LEU B 113 -11.80 -11.74 6.80
CA LEU B 113 -10.48 -11.82 7.36
C LEU B 113 -10.51 -12.70 8.57
N TYR B 114 -9.63 -13.70 8.58
CA TYR B 114 -9.44 -14.54 9.76
C TYR B 114 -8.05 -14.26 10.33
N LEU B 115 -7.95 -14.10 11.64
CA LEU B 115 -6.67 -13.77 12.24
C LEU B 115 -6.15 -14.82 13.20
N ILE B 116 -4.82 -14.96 13.29
CA ILE B 116 -4.25 -15.57 14.48
C ILE B 116 -4.35 -14.48 15.54
N HIS B 117 -5.22 -14.69 16.52
CA HIS B 117 -5.50 -13.69 17.56
C HIS B 117 -4.24 -13.26 18.33
N SER B 118 -3.36 -14.21 18.65
CA SER B 118 -2.12 -13.90 19.34
C SER B 118 -1.07 -15.02 19.17
N PRO B 119 0.22 -14.67 19.16
CA PRO B 119 1.18 -15.74 19.01
C PRO B 119 1.34 -16.52 20.31
N MET B 120 0.77 -16.00 21.40
CA MET B 120 0.92 -16.64 22.71
C MET B 120 0.00 -17.82 22.89
N SER B 121 0.48 -18.96 22.43
CA SER B 121 -0.27 -20.22 22.43
C SER B 121 -0.60 -20.74 23.84
N LEU B 122 -1.77 -21.35 23.94
CA LEU B 122 -2.20 -21.94 25.18
C LEU B 122 -2.64 -23.40 24.96
N LYS B 123 -2.62 -24.17 26.05
CA LYS B 123 -2.99 -25.59 26.05
C LYS B 123 -4.34 -25.87 25.38
N PRO B 124 -4.35 -26.79 24.39
CA PRO B 124 -5.55 -27.20 23.63
C PRO B 124 -6.66 -27.66 24.57
N GLY B 125 -7.90 -27.28 24.32
CA GLY B 125 -8.98 -27.71 25.20
C GLY B 125 -10.32 -27.07 24.88
N GLU B 126 -11.23 -27.14 25.83
CA GLU B 126 -12.51 -26.45 25.71
C GLU B 126 -12.47 -25.19 26.56
N GLU B 127 -11.36 -24.98 27.26
CA GLU B 127 -11.19 -23.83 28.12
C GLU B 127 -10.45 -22.67 27.45
N LEU B 128 -11.15 -21.56 27.26
CA LEU B 128 -10.57 -20.34 26.73
C LEU B 128 -9.33 -20.00 27.51
N SER B 129 -9.41 -20.04 28.83
CA SER B 129 -8.24 -19.80 29.67
C SER B 129 -7.94 -21.00 30.57
N PRO B 130 -7.14 -21.96 30.07
CA PRO B 130 -6.88 -23.20 30.79
C PRO B 130 -5.87 -23.01 31.91
N THR B 131 -6.12 -23.68 33.04
CA THR B 131 -5.47 -23.28 34.28
C THR B 131 -5.13 -24.44 35.23
N ASP B 132 -3.88 -24.45 35.69
CA ASP B 132 -3.30 -25.58 36.41
C ASP B 132 -3.86 -25.81 37.83
N ASN B 134 -3.24 -24.64 40.62
CA ASN B 134 -2.94 -23.45 41.40
C ASN B 134 -3.60 -22.18 40.86
N GLY B 135 -3.79 -22.14 39.55
CA GLY B 135 -4.38 -20.98 38.91
C GLY B 135 -3.46 -20.33 37.89
N LYS B 136 -2.24 -20.85 37.72
CA LYS B 136 -1.36 -20.41 36.65
C LYS B 136 -1.92 -20.92 35.33
N VAL B 137 -2.02 -20.01 34.36
CA VAL B 137 -2.52 -20.32 33.02
C VAL B 137 -1.51 -21.26 32.35
N ILE B 138 -1.98 -22.25 31.59
CA ILE B 138 -1.09 -23.29 31.02
C ILE B 138 -0.64 -22.98 29.59
N PHE B 139 0.62 -22.60 29.45
CA PHE B 139 1.22 -22.32 28.15
C PHE B 139 1.19 -23.53 27.21
N ASP B 140 1.47 -23.26 25.94
CA ASP B 140 1.67 -24.30 24.93
C ASP B 140 2.68 -23.71 23.99
N ILE B 141 3.47 -24.56 23.34
CA ILE B 141 4.40 -24.12 22.31
C ILE B 141 4.00 -24.79 21.02
N VAL B 142 3.77 -23.98 20.00
CA VAL B 142 3.38 -24.46 18.70
C VAL B 142 4.18 -23.67 17.69
N ASP B 143 4.69 -24.33 16.65
CA ASP B 143 5.34 -23.62 15.59
C ASP B 143 4.26 -22.88 14.77
N LEU B 144 4.24 -21.57 14.95
CA LEU B 144 3.30 -20.68 14.30
C LEU B 144 3.38 -20.69 12.78
N CYS B 145 4.50 -21.17 12.26
CA CYS B 145 4.57 -21.37 10.83
C CYS B 145 3.61 -22.50 10.39
N THR B 146 3.34 -23.46 11.28
CA THR B 146 2.42 -24.55 10.91
C THR B 146 0.98 -24.11 11.11
N THR B 147 0.72 -23.27 12.12
CA THR B 147 -0.60 -22.66 12.24
C THR B 147 -0.92 -21.90 10.95
N TRP B 148 0.08 -21.19 10.44
CA TRP B 148 -0.08 -20.38 9.26
C TRP B 148 -0.40 -21.18 7.99
N GLU B 149 0.37 -22.23 7.73
CA GLU B 149 0.03 -23.15 6.61
C GLU B 149 -1.43 -23.54 6.73
N ALA B 150 -1.89 -23.77 7.96
CA ALA B 150 -3.27 -24.16 8.15
C ALA B 150 -4.22 -23.01 7.78
N MET B 151 -3.87 -21.78 8.18
CA MET B 151 -4.59 -20.57 7.78
C MET B 151 -4.59 -20.48 6.24
N GLU B 152 -3.51 -20.92 5.61
CA GLU B 152 -3.47 -20.90 4.16
C GLU B 152 -4.52 -21.81 3.53
N LYS B 153 -4.63 -23.05 4.03
CA LYS B 153 -5.67 -23.99 3.57
C LYS B 153 -7.11 -23.44 3.79
N CYS B 154 -7.28 -22.55 4.75
CA CYS B 154 -8.60 -21.95 4.95
C CYS B 154 -8.92 -20.94 3.84
N LYS B 155 -7.90 -20.28 3.31
CA LYS B 155 -8.09 -19.34 2.22
C LYS B 155 -8.28 -20.10 0.93
N ASP B 156 -7.37 -21.00 0.63
CA ASP B 156 -7.49 -21.90 -0.49
C ASP B 156 -8.88 -22.50 -0.64
N ALA B 157 -9.67 -22.43 0.41
CA ALA B 157 -10.93 -23.13 0.47
C ALA B 157 -12.01 -22.11 0.56
N GLY B 158 -11.62 -20.86 0.52
CA GLY B 158 -12.57 -19.77 0.55
C GLY B 158 -13.41 -19.65 1.79
N LEU B 159 -12.95 -20.15 2.93
CA LEU B 159 -13.67 -19.91 4.21
C LEU B 159 -13.27 -18.57 4.85
N ALA B 160 -12.05 -18.13 4.54
CA ALA B 160 -11.67 -16.76 4.77
C ALA B 160 -11.13 -16.16 3.47
N LYS B 161 -11.68 -15.01 3.09
CA LYS B 161 -11.22 -14.30 1.91
C LYS B 161 -9.79 -13.81 2.04
N SER B 162 -9.44 -13.41 3.27
CA SER B 162 -8.10 -12.91 3.60
C SER B 162 -7.61 -13.38 4.98
N ILE B 163 -6.30 -13.67 5.08
CA ILE B 163 -5.74 -14.15 6.33
C ILE B 163 -4.67 -13.21 6.85
N GLY B 164 -4.61 -13.06 8.17
CA GLY B 164 -3.61 -12.17 8.74
C GLY B 164 -3.22 -12.62 10.11
N VAL B 165 -2.45 -11.79 10.79
CA VAL B 165 -2.06 -12.08 12.15
C VAL B 165 -2.40 -10.91 13.08
N SER B 166 -2.27 -11.16 14.38
CA SER B 166 -2.55 -10.15 15.36
C SER B 166 -1.54 -10.30 16.47
N ASN B 167 -1.16 -9.17 17.08
CA ASN B 167 -0.17 -9.17 18.17
C ASN B 167 1.24 -9.73 17.87
N PHE B 168 1.62 -9.84 16.60
CA PHE B 168 2.97 -10.28 16.28
C PHE B 168 3.93 -9.10 16.34
N ASN B 169 5.17 -9.33 16.73
CA ASN B 169 6.17 -8.28 16.61
C ASN B 169 6.94 -8.39 15.28
N ARG B 170 7.99 -7.61 15.09
CA ARG B 170 8.76 -7.70 13.85
C ARG B 170 9.32 -9.11 13.58
N ARG B 171 10.07 -9.64 14.54
CA ARG B 171 10.76 -10.92 14.37
C ARG B 171 9.77 -12.05 13.99
N GLN B 172 8.67 -12.11 14.72
CA GLN B 172 7.60 -13.08 14.49
C GLN B 172 6.95 -12.95 13.12
N LEU B 173 6.83 -11.73 12.60
CA LEU B 173 6.43 -11.49 11.21
C LEU B 173 7.48 -11.99 10.17
N GLU B 174 8.75 -11.66 10.41
CA GLU B 174 9.85 -12.14 9.58
C GLU B 174 9.83 -13.64 9.51
N MET B 175 9.50 -14.27 10.65
CA MET B 175 9.38 -15.74 10.75
C MET B 175 8.42 -16.32 9.71
N ILE B 176 7.24 -15.71 9.58
CA ILE B 176 6.22 -16.14 8.59
C ILE B 176 6.70 -15.73 7.19
N LEU B 177 7.11 -14.47 7.05
CA LEU B 177 7.49 -13.95 5.75
C LEU B 177 8.62 -14.73 5.09
N ASN B 178 9.48 -15.36 5.90
CA ASN B 178 10.57 -16.18 5.35
C ASN B 178 10.28 -17.65 5.31
N LYS B 179 9.12 -18.06 5.82
CA LYS B 179 8.77 -19.46 5.87
C LYS B 179 8.94 -20.05 4.50
N PRO B 180 9.62 -21.20 4.39
CA PRO B 180 9.74 -21.90 3.11
C PRO B 180 8.39 -22.40 2.60
N GLY B 181 8.13 -22.14 1.34
CA GLY B 181 6.93 -22.63 0.72
C GLY B 181 5.79 -21.69 0.99
N LEU B 182 6.05 -20.56 1.65
CA LEU B 182 5.01 -19.56 1.92
C LEU B 182 4.12 -19.31 0.71
N LYS B 183 2.82 -19.49 0.91
CA LYS B 183 1.89 -19.37 -0.17
C LYS B 183 1.19 -17.99 -0.16
N TYR B 184 0.81 -17.48 1.03
CA TYR B 184 0.25 -16.12 1.18
C TYR B 184 0.87 -15.40 2.37
N LYS B 185 1.24 -14.15 2.13
CA LYS B 185 1.65 -13.21 3.13
C LYS B 185 0.43 -12.87 3.98
N PRO B 186 0.62 -12.67 5.29
CA PRO B 186 -0.54 -12.15 6.03
C PRO B 186 -0.90 -10.77 5.47
N VAL B 187 -2.18 -10.46 5.36
CA VAL B 187 -2.52 -9.18 4.79
C VAL B 187 -2.37 -8.03 5.82
N CYS B 188 -2.50 -8.35 7.10
CA CYS B 188 -2.42 -7.33 8.13
C CYS B 188 -1.77 -7.86 9.38
N ASN B 189 -1.51 -6.95 10.31
CA ASN B 189 -1.03 -7.30 11.63
C ASN B 189 -1.75 -6.41 12.65
N GLN B 190 -2.82 -6.93 13.23
CA GLN B 190 -3.62 -6.14 14.15
C GLN B 190 -2.91 -6.05 15.50
N VAL B 191 -2.47 -4.84 15.85
CA VAL B 191 -1.68 -4.66 17.06
C VAL B 191 -2.19 -3.53 17.92
N GLU B 192 -1.65 -3.40 19.13
CA GLU B 192 -2.02 -2.26 19.98
C GLU B 192 -1.33 -1.05 19.41
N CYS B 193 -2.13 -0.01 19.16
CA CYS B 193 -1.69 1.18 18.47
C CYS B 193 -2.57 2.37 18.85
N HIS B 194 -1.91 3.39 19.38
CA HIS B 194 -2.56 4.65 19.75
C HIS B 194 -1.45 5.68 20.00
N PRO B 195 -1.80 6.98 20.18
CA PRO B 195 -0.76 8.01 20.26
C PRO B 195 0.26 7.81 21.37
N TYR B 196 -0.11 7.14 22.47
CA TYR B 196 0.87 6.84 23.53
C TYR B 196 1.80 5.69 23.17
N PHE B 197 1.35 4.84 22.26
CA PHE B 197 2.11 3.66 21.80
C PHE B 197 1.99 3.54 20.27
N ASN B 198 2.62 4.45 19.51
CA ASN B 198 2.33 4.55 18.07
C ASN B 198 2.96 3.48 17.15
N ARG B 199 3.96 2.78 17.67
CA ARG B 199 4.57 1.61 17.00
C ARG B 199 5.25 1.96 15.68
N SER B 200 5.59 3.23 15.51
CA SER B 200 6.11 3.69 14.21
C SER B 200 7.16 2.77 13.56
N LYS B 201 8.11 2.27 14.33
CA LYS B 201 9.14 1.39 13.77
C LYS B 201 8.59 0.12 13.15
N LEU B 202 7.57 -0.46 13.77
CA LEU B 202 6.87 -1.62 13.24
C LEU B 202 5.99 -1.24 12.03
N LEU B 203 5.29 -0.11 12.15
CA LEU B 203 4.53 0.45 11.03
C LEU B 203 5.33 0.51 9.73
N ASP B 204 6.55 1.07 9.80
CA ASP B 204 7.41 1.19 8.62
C ASP B 204 7.69 -0.21 8.07
N PHE B 205 8.11 -1.12 8.92
CA PHE B 205 8.38 -2.50 8.52
C PHE B 205 7.18 -3.13 7.81
N CYS B 206 6.00 -2.99 8.40
CA CYS B 206 4.77 -3.52 7.80
C CYS B 206 4.50 -2.94 6.44
N LYS B 207 4.68 -1.64 6.31
CA LYS B 207 4.50 -0.96 5.05
C LYS B 207 5.43 -1.52 3.99
N SER B 208 6.68 -1.79 4.38
CA SER B 208 7.69 -2.26 3.44
C SER B 208 7.45 -3.69 3.02
N LYS B 209 6.67 -4.43 3.79
CA LYS B 209 6.27 -5.79 3.42
C LYS B 209 4.88 -5.87 2.75
N ASP B 210 4.25 -4.71 2.54
CA ASP B 210 2.87 -4.63 2.02
C ASP B 210 1.84 -5.22 2.98
N ILE B 211 2.09 -4.99 4.27
CA ILE B 211 1.24 -5.49 5.33
C ILE B 211 0.61 -4.29 6.02
N VAL B 212 -0.69 -4.29 6.09
CA VAL B 212 -1.43 -3.26 6.75
C VAL B 212 -1.38 -3.45 8.27
N LEU B 213 -1.14 -2.36 9.00
CA LEU B 213 -1.18 -2.39 10.46
C LEU B 213 -2.57 -1.94 10.88
N VAL B 214 -3.30 -2.81 11.59
CA VAL B 214 -4.62 -2.44 12.11
C VAL B 214 -4.53 -2.05 13.58
N ALA B 215 -4.92 -0.84 13.93
CA ALA B 215 -4.82 -0.39 15.32
C ALA B 215 -6.00 -0.81 16.21
N TYR B 216 -5.69 -1.47 17.33
CA TYR B 216 -6.72 -1.72 18.32
C TYR B 216 -6.46 -0.92 19.55
N SER B 217 -7.55 -0.61 20.26
CA SER B 217 -7.49 0.18 21.48
C SER B 217 -6.83 1.50 21.14
N ALA B 218 -7.24 1.99 19.97
CA ALA B 218 -6.81 3.26 19.44
C ALA B 218 -7.41 4.44 20.22
N LEU B 219 -8.36 4.15 21.10
CA LEU B 219 -9.00 5.17 21.92
C LEU B 219 -8.68 4.96 23.40
N GLY B 220 -7.52 4.37 23.68
CA GLY B 220 -7.10 4.12 25.04
C GLY B 220 -7.64 2.82 25.60
N SER B 221 -8.37 2.09 24.77
CA SER B 221 -8.95 0.80 25.18
C SER B 221 -10.10 0.99 26.16
N GLN B 222 -10.68 -0.13 26.60
CA GLN B 222 -11.77 -0.10 27.57
C GLN B 222 -11.26 0.08 28.99
N ARG B 223 -9.97 -0.15 29.19
CA ARG B 223 -9.36 0.01 30.50
C ARG B 223 -9.74 -1.12 31.48
N ASP B 224 -9.69 -2.34 30.98
CA ASP B 224 -10.14 -3.51 31.70
C ASP B 224 -9.21 -3.88 32.85
N LYS B 225 -9.83 -4.24 33.98
CA LYS B 225 -9.13 -4.52 35.26
C LYS B 225 -8.16 -5.68 35.18
N ARG B 226 -8.54 -6.71 34.41
CA ARG B 226 -7.70 -7.87 34.16
C ARG B 226 -6.35 -7.49 33.55
N TRP B 227 -6.37 -6.54 32.62
CA TRP B 227 -5.17 -6.26 31.83
C TRP B 227 -4.45 -4.93 32.17
N VAL B 228 -5.23 -3.89 32.42
CA VAL B 228 -4.68 -2.53 32.44
C VAL B 228 -4.48 -1.96 33.85
N ASP B 229 -3.22 -1.69 34.18
CA ASP B 229 -2.86 -0.97 35.38
C ASP B 229 -3.66 0.35 35.41
N PRO B 230 -4.47 0.57 36.47
CA PRO B 230 -5.32 1.80 36.54
C PRO B 230 -4.50 3.08 36.63
N ASN B 231 -3.30 2.98 37.20
CA ASN B 231 -2.31 4.05 37.25
C ASN B 231 -2.09 4.77 35.90
N SER B 232 -1.81 3.98 34.85
CA SER B 232 -1.55 4.49 33.49
C SER B 232 -2.52 5.57 33.07
N PRO B 233 -2.05 6.63 32.43
CA PRO B 233 -2.89 7.76 32.07
C PRO B 233 -3.95 7.42 31.08
N VAL B 234 -5.18 7.86 31.33
CA VAL B 234 -6.23 7.70 30.35
C VAL B 234 -5.84 8.45 29.10
N LEU B 235 -6.29 7.95 27.94
CA LEU B 235 -5.84 8.47 26.65
C LEU B 235 -6.64 9.69 26.21
N LEU B 236 -7.97 9.58 26.24
CA LEU B 236 -8.86 10.69 25.92
C LEU B 236 -8.71 11.84 26.93
N GLU B 237 -7.72 11.72 27.81
CA GLU B 237 -7.47 12.71 28.82
C GLU B 237 -6.29 13.60 28.43
N ASP B 238 -5.37 13.09 27.62
CA ASP B 238 -4.21 13.90 27.26
C ASP B 238 -4.70 15.17 26.58
N PRO B 239 -4.19 16.34 27.04
CA PRO B 239 -4.68 17.64 26.55
C PRO B 239 -4.22 18.04 25.16
N VAL B 240 -3.20 17.39 24.62
CA VAL B 240 -2.85 17.63 23.24
C VAL B 240 -4.01 17.17 22.39
N LEU B 241 -4.53 15.99 22.68
CA LEU B 241 -5.71 15.46 21.98
C LEU B 241 -6.96 16.30 22.21
N CYS B 242 -7.03 16.89 23.41
CA CYS B 242 -8.11 17.80 23.80
C CYS B 242 -7.95 19.22 23.24
N ALA B 243 -6.72 19.72 23.20
CA ALA B 243 -6.43 20.99 22.53
C ALA B 243 -6.91 20.92 21.08
N LEU B 244 -6.62 19.78 20.44
CA LEU B 244 -6.84 19.61 19.00
C LEU B 244 -8.31 19.36 18.69
N ALA B 245 -8.97 18.65 19.60
CA ALA B 245 -10.44 18.46 19.57
C ALA B 245 -11.14 19.81 19.54
N LYS B 246 -10.77 20.68 20.46
CA LYS B 246 -11.28 22.02 20.49
C LYS B 246 -10.87 22.77 19.21
N LYS B 247 -9.61 22.65 18.84
CA LYS B 247 -9.11 23.30 17.63
C LYS B 247 -9.92 22.92 16.39
N HIS B 248 -10.25 21.65 16.25
CA HIS B 248 -11.05 21.21 15.13
C HIS B 248 -12.54 21.19 15.45
N LYS B 249 -12.89 21.50 16.70
CA LYS B 249 -14.28 21.52 17.13
C LYS B 249 -14.85 20.10 17.20
N ARG B 250 -13.97 19.13 17.42
CA ARG B 250 -14.36 17.73 17.52
C ARG B 250 -14.03 17.18 18.91
N THR B 251 -14.01 15.86 19.02
CA THR B 251 -13.68 15.21 20.29
C THR B 251 -12.36 14.46 20.19
N PRO B 252 -11.62 14.40 21.30
CA PRO B 252 -10.33 13.69 21.32
C PRO B 252 -10.41 12.32 20.61
N ALA B 253 -11.50 11.58 20.81
CA ALA B 253 -11.72 10.31 20.13
C ALA B 253 -11.60 10.46 18.61
N LEU B 254 -12.21 11.51 18.07
CA LEU B 254 -12.13 11.77 16.64
C LEU B 254 -10.72 12.11 16.19
N ILE B 255 -9.99 12.89 16.99
CA ILE B 255 -8.59 13.26 16.71
C ILE B 255 -7.72 12.00 16.65
N ALA B 256 -7.93 11.13 17.63
CA ALA B 256 -7.17 9.88 17.78
C ALA B 256 -7.34 9.01 16.56
N LEU B 257 -8.58 8.69 16.21
CA LEU B 257 -8.87 7.88 15.04
C LEU B 257 -8.19 8.46 13.81
N ARG B 258 -8.42 9.75 13.55
CA ARG B 258 -7.94 10.39 12.32
C ARG B 258 -6.42 10.48 12.31
N TYR B 259 -5.82 10.50 13.50
CA TYR B 259 -4.37 10.34 13.57
C TYR B 259 -3.89 9.08 12.86
N GLN B 260 -4.62 7.98 13.07
CA GLN B 260 -4.24 6.69 12.52
C GLN B 260 -4.38 6.61 10.98
N LEU B 261 -5.53 7.05 10.48
CA LEU B 261 -5.81 7.04 9.05
C LEU B 261 -4.68 7.72 8.31
N GLN B 262 -4.33 8.94 8.73
CA GLN B 262 -3.31 9.73 8.05
C GLN B 262 -1.90 9.12 8.06
N ARG B 263 -1.64 8.10 8.88
CA ARG B 263 -0.37 7.37 8.69
C ARG B 263 -0.58 6.07 7.94
N GLY B 264 -1.75 5.90 7.32
CA GLY B 264 -2.01 4.70 6.54
C GLY B 264 -2.18 3.49 7.45
N VAL B 265 -2.70 3.73 8.64
CA VAL B 265 -3.02 2.66 9.53
C VAL B 265 -4.53 2.55 9.49
N VAL B 266 -5.04 1.36 9.20
CA VAL B 266 -6.48 1.04 9.38
C VAL B 266 -6.81 0.99 10.86
N VAL B 267 -7.98 1.50 11.23
CA VAL B 267 -8.25 1.69 12.67
C VAL B 267 -9.58 1.13 13.14
N LEU B 268 -9.57 0.62 14.37
CA LEU B 268 -10.78 0.10 14.97
C LEU B 268 -11.22 0.97 16.14
N ALA B 269 -12.51 1.26 16.17
CA ALA B 269 -13.12 1.92 17.32
C ALA B 269 -14.23 1.06 17.91
N LYS B 270 -14.29 0.98 19.23
CA LYS B 270 -15.40 0.30 19.88
C LYS B 270 -16.26 1.26 20.70
N SER B 271 -17.58 1.07 20.61
CA SER B 271 -18.51 1.75 21.51
C SER B 271 -19.80 0.95 21.72
N GLU B 274 -24.78 4.71 21.22
CA GLU B 274 -25.39 5.04 19.93
C GLU B 274 -24.91 6.39 19.47
N GLN B 275 -24.62 7.25 20.44
CA GLN B 275 -24.14 8.59 20.14
C GLN B 275 -22.76 8.48 19.52
N ARG B 276 -21.80 7.99 20.31
CA ARG B 276 -20.42 7.85 19.84
C ARG B 276 -20.26 6.96 18.59
N ILE B 277 -21.05 5.89 18.51
CA ILE B 277 -21.07 5.05 17.31
C ILE B 277 -21.42 5.87 16.07
N ARG B 278 -22.32 6.85 16.23
CA ARG B 278 -22.64 7.78 15.13
C ARG B 278 -21.57 8.87 14.99
N GLN B 279 -20.93 9.23 16.09
CA GLN B 279 -19.89 10.27 16.08
C GLN B 279 -18.67 9.84 15.28
N ASN B 280 -18.19 8.64 15.56
CA ASN B 280 -16.89 8.16 15.06
C ASN B 280 -16.72 8.10 13.54
N VAL B 281 -17.83 8.15 12.80
CA VAL B 281 -17.80 8.21 11.33
C VAL B 281 -17.60 9.64 10.81
N GLN B 282 -17.62 10.62 11.72
CA GLN B 282 -17.24 11.99 11.39
C GLN B 282 -15.74 12.03 11.12
N VAL B 283 -15.06 10.92 11.37
CA VAL B 283 -13.62 10.78 11.11
C VAL B 283 -13.26 11.05 9.63
N PHE B 284 -14.23 10.86 8.76
CA PHE B 284 -14.03 11.11 7.33
C PHE B 284 -14.26 12.57 6.92
N GLU B 285 -14.72 13.40 7.87
CA GLU B 285 -15.19 14.78 7.61
C GLU B 285 -14.15 15.92 7.78
N PHE B 286 -12.96 15.61 8.27
CA PHE B 286 -11.95 16.65 8.51
C PHE B 286 -10.53 16.09 8.37
N GLN B 287 -9.52 16.95 8.43
CA GLN B 287 -8.12 16.57 8.21
C GLN B 287 -7.21 17.24 9.22
N LEU B 288 -6.38 16.46 9.91
CA LEU B 288 -5.32 17.06 10.73
C LEU B 288 -4.24 17.55 9.78
N THR B 289 -3.41 18.47 10.26
CA THR B 289 -2.40 19.08 9.39
C THR B 289 -1.10 18.36 9.62
N ALA B 290 -0.08 18.68 8.84
CA ALA B 290 1.26 18.12 9.06
C ALA B 290 1.78 18.47 10.45
N GLU B 291 1.39 19.65 10.96
CA GLU B 291 1.78 20.11 12.30
C GLU B 291 1.04 19.26 13.34
N ASP B 292 -0.28 19.29 13.28
CA ASP B 292 -1.09 18.36 14.04
C ASP B 292 -0.45 16.95 14.11
N MET B 293 0.10 16.46 13.00
CA MET B 293 0.63 15.10 13.01
C MET B 293 1.86 14.97 13.93
N LYS B 294 2.90 15.76 13.74
CA LYS B 294 4.06 15.55 14.60
C LYS B 294 3.81 15.92 16.09
N ALA B 295 2.76 16.69 16.33
CA ALA B 295 2.29 16.94 17.71
C ALA B 295 1.79 15.66 18.34
N ILE B 296 1.02 14.90 17.56
CA ILE B 296 0.46 13.65 18.04
C ILE B 296 1.56 12.60 18.10
N ASP B 297 2.43 12.61 17.10
CA ASP B 297 3.64 11.81 17.13
C ASP B 297 4.32 11.98 18.46
N GLY B 298 4.34 13.22 18.95
CA GLY B 298 4.99 13.59 20.23
C GLY B 298 4.44 12.90 21.48
N LEU B 299 3.32 12.21 21.36
CA LEU B 299 2.67 11.64 22.52
C LEU B 299 3.18 10.25 22.87
N ASP B 300 3.82 9.59 21.92
CA ASP B 300 4.31 8.24 22.11
C ASP B 300 5.22 8.20 23.31
N ARG B 301 5.02 7.19 24.15
CA ARG B 301 5.83 7.01 25.36
C ARG B 301 6.08 5.53 25.65
N ASN B 302 5.91 4.68 24.64
CA ASN B 302 6.16 3.24 24.75
C ASN B 302 5.40 2.57 25.89
N LEU B 303 4.08 2.79 25.91
CA LEU B 303 3.25 2.30 26.97
C LEU B 303 2.10 1.47 26.41
N HIS B 304 2.15 0.15 26.63
CA HIS B 304 1.03 -0.70 26.24
C HIS B 304 0.04 -0.90 27.40
N TYR B 305 -1.23 -0.56 27.15
CA TYR B 305 -2.28 -0.71 28.16
C TYR B 305 -2.40 -2.14 28.72
N PHE B 306 -2.34 -3.15 27.84
CA PHE B 306 -2.42 -4.56 28.24
C PHE B 306 -1.13 -5.06 28.88
N ASN B 307 -1.28 -5.64 30.08
CA ASN B 307 -0.17 -6.11 30.90
C ASN B 307 -0.43 -7.46 31.54
N SER B 308 0.65 -8.18 31.84
CA SER B 308 0.55 -9.45 32.52
C SER B 308 1.87 -9.82 33.16
N SER B 310 3.00 -12.54 34.17
CA SER B 310 2.56 -13.86 33.73
C SER B 310 2.92 -14.09 32.25
N PHE B 311 2.05 -13.59 31.36
CA PHE B 311 2.26 -13.70 29.91
C PHE B 311 3.63 -13.18 29.42
N ALA B 312 4.24 -12.28 30.17
CA ALA B 312 5.56 -11.73 29.79
C ALA B 312 6.60 -12.82 29.81
N SER B 313 6.29 -13.89 30.54
CA SER B 313 7.24 -14.99 30.64
C SER B 313 6.99 -16.06 29.57
N HIS B 314 5.92 -15.90 28.79
CA HIS B 314 5.63 -16.73 27.61
C HIS B 314 6.73 -16.55 26.57
N PRO B 315 7.18 -17.65 25.96
CA PRO B 315 8.32 -17.54 25.02
C PRO B 315 8.01 -16.78 23.74
N ASN B 316 6.72 -16.59 23.44
CA ASN B 316 6.28 -15.78 22.31
C ASN B 316 5.70 -14.40 22.69
N TYR B 317 6.11 -13.88 23.86
CA TYR B 317 5.68 -12.55 24.29
C TYR B 317 6.16 -11.52 23.27
N PRO B 318 5.25 -10.72 22.72
CA PRO B 318 5.71 -9.85 21.64
C PRO B 318 6.61 -8.70 22.10
N TYR B 319 6.22 -7.99 23.16
CA TYR B 319 6.97 -6.80 23.57
C TYR B 319 8.11 -7.15 24.51
N SER B 320 9.31 -6.63 24.25
CA SER B 320 10.38 -6.69 25.27
C SER B 320 10.21 -5.54 26.27
N ASP B 321 10.25 -5.88 27.56
CA ASP B 321 9.94 -4.96 28.70
C ASP B 321 8.45 -4.81 29.03
PA NAP C . 11.30 -1.70 -21.16
O1A NAP C . 12.52 -2.09 -20.40
O2A NAP C . 9.95 -1.69 -20.55
O5B NAP C . 11.24 -2.70 -22.40
C5B NAP C . 12.42 -2.81 -23.13
C4B NAP C . 12.26 -3.71 -24.30
O4B NAP C . 11.71 -4.96 -23.94
C3B NAP C . 11.34 -3.13 -25.32
O3B NAP C . 12.16 -2.58 -26.32
C2B NAP C . 10.60 -4.33 -25.87
O2B NAP C . 10.81 -4.50 -27.27
C1B NAP C . 11.15 -5.50 -25.12
N9A NAP C . 10.05 -6.32 -24.71
C8A NAP C . 8.88 -5.85 -24.22
N7A NAP C . 8.06 -6.82 -23.93
C5A NAP C . 8.73 -7.96 -24.25
C6A NAP C . 8.36 -9.27 -24.17
N6A NAP C . 7.11 -9.63 -23.68
N1A NAP C . 9.24 -10.18 -24.56
C2A NAP C . 10.41 -9.78 -25.02
N3A NAP C . 10.88 -8.54 -25.15
C4A NAP C . 9.97 -7.68 -24.74
O3 NAP C . 11.48 -0.28 -21.88
PN NAP C . 11.66 1.23 -21.44
O1N NAP C . 13.03 1.47 -20.97
O2N NAP C . 11.07 2.06 -22.51
O5D NAP C . 10.65 1.42 -20.23
C5D NAP C . 9.33 1.64 -20.67
C4D NAP C . 8.78 2.94 -20.20
O4D NAP C . 9.52 3.42 -19.11
C3D NAP C . 9.07 3.98 -21.20
O3D NAP C . 8.13 3.90 -22.22
C2D NAP C . 8.76 5.18 -20.37
O2D NAP C . 7.37 5.35 -20.34
C1D NAP C . 9.20 4.78 -18.99
N1N NAP C . 10.46 5.40 -18.74
C2N NAP C . 10.56 6.45 -17.95
C3N NAP C . 11.82 6.99 -17.77
C7N NAP C . 11.94 8.10 -16.87
O7N NAP C . 12.91 8.81 -16.83
N7N NAP C . 10.90 8.18 -16.01
C4N NAP C . 12.93 6.47 -18.38
C5N NAP C . 12.77 5.39 -19.20
C6N NAP C . 11.52 4.88 -19.35
P2B NAP C . 9.60 -4.38 -28.32
O1X NAP C . 9.32 -2.95 -28.32
O2X NAP C . 10.26 -4.88 -29.54
O3X NAP C . 8.44 -5.19 -27.91
C8 WDV D . 19.08 9.02 -14.20
C11 WDV D . 20.41 8.90 -14.51
C4 WDV D . 18.16 9.29 -15.19
C24 WDV D . 13.20 6.42 -22.64
C22 WDV D . 12.51 7.19 -21.75
C3 WDV D . 19.91 9.30 -16.78
C19 WDV D . 15.12 7.87 -22.32
C7 WDV D . 20.83 9.03 -15.81
C18 WDV D . 14.41 8.63 -21.43
C1 WDV D . 18.58 9.42 -16.49
C21 WDV D . 14.50 6.77 -22.91
C20 WDV D . 13.10 8.28 -21.15
C5 WDV D . 18.19 9.21 -18.84
C6 WDV D . 16.28 9.55 -17.25
C9 WDV D . 17.37 9.81 -19.95
C10 WDV D . 15.52 10.22 -18.38
C17 WDV D . 15.04 9.84 -20.78
C12 WDV D . 22.25 8.91 -16.19
N2 WDV D . 17.70 9.70 -17.56
N13 WDV D . 15.95 9.54 -19.62
N25 WDV D . 15.22 5.94 -23.86
O27 WDV D . 14.80 4.80 -24.07
O26 WDV D . 16.21 6.44 -24.39
O23 WDV D . 12.31 9.00 -20.28
F14 WDV D . 22.85 7.88 -15.57
F15 WDV D . 22.47 8.69 -17.51
F16 WDV D . 22.95 10.05 -15.88
PA NAP E . -11.43 1.38 21.92
O1A NAP E . -10.12 1.80 22.51
O2A NAP E . -11.78 1.46 20.47
O5B NAP E . -12.68 2.06 22.71
C5B NAP E . -12.47 2.37 24.09
C4B NAP E . -13.62 3.07 24.77
O4B NAP E . -13.70 4.41 24.34
C3B NAP E . -14.94 2.44 24.44
O3B NAP E . -15.33 1.61 25.52
C2B NAP E . -15.90 3.59 24.25
O2B NAP E . -16.96 3.63 25.19
C1B NAP E . -15.07 4.81 24.42
N9A NAP E . -15.40 5.64 23.29
C8A NAP E . -15.64 5.19 22.03
N7A NAP E . -15.95 6.18 21.24
C5A NAP E . -15.93 7.31 22.01
C6A NAP E . -16.18 8.62 21.73
N6A NAP E . -16.53 9.04 20.45
N1A NAP E . -16.07 9.50 22.71
C2A NAP E . -15.74 9.07 23.92
N3A NAP E . -15.48 7.83 24.32
C4A NAP E . -15.59 6.99 23.30
O3 NAP E . -11.76 -0.18 22.29
PN NAP E . -11.04 -1.64 22.29
O1N NAP E . -9.85 -1.63 23.21
O2N NAP E . -12.17 -2.58 22.35
O5D NAP E . -10.55 -1.80 20.78
C5D NAP E . -11.62 -1.88 19.89
C4D NAP E . -11.53 -3.18 19.17
O4D NAP E . -10.16 -3.59 18.97
C3D NAP E . -12.12 -4.27 19.99
O3D NAP E . -13.52 -4.27 19.83
C2D NAP E . -11.53 -5.44 19.28
O2D NAP E . -12.30 -5.53 18.10
C1D NAP E . -10.17 -5.00 18.84
N1N NAP E . -9.18 -5.58 19.72
C2N NAP E . -8.40 -6.53 19.28
C3N NAP E . -7.47 -7.07 20.13
C7N NAP E . -6.56 -8.14 19.68
O7N NAP E . -5.97 -8.86 20.47
N7N NAP E . -6.45 -8.18 18.34
C4N NAP E . -7.35 -6.63 21.41
C5N NAP E . -8.19 -5.64 21.83
C6N NAP E . -9.10 -5.13 20.95
P2B NAP E . -18.50 3.35 24.73
O1X NAP E . -18.53 2.17 23.81
O2X NAP E . -19.08 3.14 26.10
O3X NAP E . -19.05 4.54 24.04
C8 WDV F . -0.01 -8.68 23.86
C11 WDV F . 0.51 -8.54 25.12
C4 WDV F . -1.33 -9.01 23.69
C24 WDV F . -10.66 -7.04 24.01
C22 WDV F . -10.23 -7.73 22.90
C3 WDV F . -1.63 -9.05 26.03
C19 WDV F . -9.10 -8.31 25.38
C7 WDV F . -0.31 -8.72 26.21
C18 WDV F . -8.67 -8.99 24.25
C1 WDV F . -2.17 -9.20 24.77
C21 WDV F . -10.08 -7.34 25.23
C20 WDV F . -9.25 -8.69 23.04
C5 WDV F . -4.34 -9.02 25.70
C6 WDV F . -4.08 -9.51 23.29
C9 WDV F . -5.64 -9.80 25.70
C10 WDV F . -5.41 -10.24 23.32
C17 WDV F . -7.63 -10.05 24.35
C12 WDV F . 0.22 -8.57 27.60
N2 WDV F . -3.53 -9.55 24.63
N13 WDV F . -6.24 -9.60 24.36
N25 WDV F . -10.59 -6.57 26.36
O27 WDV F . -11.32 -5.58 26.11
O26 WDV F . -10.27 -6.94 27.49
O23 WDV F . -8.88 -9.34 21.89
F14 WDV F . 0.93 -7.42 27.84
F15 WDV F . -0.80 -8.70 28.50
F16 WDV F . 1.16 -9.50 27.92
#